data_1KCW
#
_entry.id   1KCW
#
_cell.length_a   213.920
_cell.length_b   213.920
_cell.length_c   85.630
_cell.angle_alpha   90.00
_cell.angle_beta   90.00
_cell.angle_gamma   120.00
#
_symmetry.space_group_name_H-M   'P 32 2 1'
#
loop_
_entity.id
_entity.type
_entity.pdbx_description
1 polymer CERULOPLASMIN
2 non-polymer 2-acetamido-2-deoxy-beta-D-glucopyranose
3 non-polymer 'COPPER (II) ION'
4 non-polymer 'OXYGEN ATOM'
#
_entity_poly.entity_id   1
_entity_poly.type   'polypeptide(L)'
_entity_poly.pdbx_seq_one_letter_code
;KEKHYYIGIIETTWDYASDHGEKKLISVDTEHSNIYLQNGPDRIGRLYKKALYLQYTDETFRTTIEKPVWLGFLGPIIKA
ETGDKVYVHLKNLASRPYTFHSHGITYYKEHEGAIYPDNTTDFQRADDKVYPGEQYTYMLLATEEQSPGEGDGNCVTRIY
HSHIDAPKDIASGLIGPLIICKKDSLDKEKEKHIDREFVVMFSVVDENFSWYLEDNIKTYCSEPEKVDKDNEDFQESNRM
YSVNGYTFGSLPGLSMCAEDRVKWYLFGMGNEVDVHAAFFHGQALTNKNYRIDTINLFPATLFDAYMVAQNPGEWMLSCQ
NLNHLKAGLQAFFQVQECNKSSSKDNIRGKHVRHYYIAAEEIIWNYAPSGIDIFTKENLTAPGSDSAVFFEQGTTRIGGS
YKKLVYREYTDASFTNRKERGPEEEHLGILGPVIWAEVGDTIRVTFHNKGAYPLSIEPIGVRFNKNNEGTYYSPNYNPQS
RSVPPSASHVAPTETFTYEWTVPKEVGPTNADPVCLAKMYYSAVDPTKDIFTGLIGPMKICKKGSLHANGRQKDVDKEFY
LFPTVFDENESLLLEDNIRMFTTAPDQVDKEDEDFQESNKMHSMNGFMYGNQPGLTMCKGDSVVWYLFSAGNEADVHGIY
FSGNTYLWRGERRDTANLFPQTSLTLHMWPDTEGTFNVECLTTDHYTGGMKQKYTVNQCRRQSEDSTFYLGERTYYIAAV
EVEWDYSPQREWEKELHHLQEQNVSNAFLDKGEFYIGSKYKKVVYRQYTDSTFRVPVERKAEEEHLGILGPQLHADVGDK
VKIIFKNMATRPYSIHAHGVQTESSTVTPTLPGETLTYVWKIPERSGAGTEDSACIPWAYYSTVDQVKDLYSGLIGPLIV
CRRPYLKVFNPRRKLEFALLFLVFDENESWYLDDNIKTYSDHPEKVNKDDEEFIESNKMHAINGRMFGNLQGLTMHVGDE
VNWYLMGMGNEIDLHTVHFHGHSFQYKHRGVYSSDVFDIFPGTYQTLEMFPRTPGIWLLHCHVTDHIHAGMETTYTVLQN
EDTKSG
;
_entity_poly.pdbx_strand_id   A
#
loop_
_chem_comp.id
_chem_comp.type
_chem_comp.name
_chem_comp.formula
CU non-polymer 'COPPER (II) ION' 'Cu 2'
NAG D-saccharide, beta linking 2-acetamido-2-deoxy-beta-D-glucopyranose 'C8 H15 N O6'
O non-polymer 'OXYGEN ATOM' O
#
# COMPACT_ATOMS: atom_id res chain seq x y z
N LYS A 1 11.78 -35.08 6.79
CA LYS A 1 13.25 -34.88 6.94
C LYS A 1 13.44 -33.93 8.13
N GLU A 2 14.65 -33.88 8.70
CA GLU A 2 14.93 -32.94 9.79
C GLU A 2 16.24 -32.22 9.50
N LYS A 3 16.09 -31.05 8.90
CA LYS A 3 17.21 -30.23 8.50
C LYS A 3 17.90 -29.56 9.67
N HIS A 4 19.19 -29.31 9.52
CA HIS A 4 19.96 -28.64 10.56
C HIS A 4 20.70 -27.54 9.82
N TYR A 5 20.71 -26.33 10.39
CA TYR A 5 21.38 -25.18 9.79
C TYR A 5 22.21 -24.51 10.87
N TYR A 6 23.39 -24.00 10.50
CA TYR A 6 24.23 -23.34 11.48
C TYR A 6 24.36 -21.87 11.19
N ILE A 7 23.64 -21.07 11.94
CA ILE A 7 23.70 -19.67 11.67
C ILE A 7 24.48 -18.91 12.74
N GLY A 8 25.49 -18.18 12.30
CA GLY A 8 26.26 -17.39 13.24
C GLY A 8 25.94 -15.96 12.87
N ILE A 9 25.95 -15.06 13.85
CA ILE A 9 25.65 -13.65 13.63
C ILE A 9 26.93 -12.85 13.80
N ILE A 10 27.58 -12.46 12.71
CA ILE A 10 28.85 -11.73 12.85
C ILE A 10 28.76 -10.27 12.54
N GLU A 11 29.70 -9.51 13.06
CA GLU A 11 29.73 -8.09 12.80
C GLU A 11 30.65 -7.94 11.58
N THR A 12 30.45 -6.90 10.76
CA THR A 12 31.27 -6.67 9.57
C THR A 12 30.93 -5.38 8.84
N THR A 13 31.74 -5.06 7.84
CA THR A 13 31.51 -3.86 7.04
C THR A 13 30.86 -4.23 5.70
N TRP A 14 29.80 -3.48 5.37
CA TRP A 14 29.09 -3.66 4.11
C TRP A 14 29.26 -2.43 3.25
N ASP A 15 29.53 -2.74 1.99
CA ASP A 15 29.75 -1.77 0.95
C ASP A 15 28.57 -1.92 0.00
N TYR A 16 27.74 -0.87 -0.06
CA TYR A 16 26.56 -0.81 -0.93
C TYR A 16 27.04 -0.70 -2.38
N ALA A 17 28.37 -0.80 -2.52
CA ALA A 17 29.14 -0.74 -3.75
C ALA A 17 28.87 0.46 -4.62
N SER A 18 29.68 0.54 -5.66
CA SER A 18 29.64 1.56 -6.69
C SER A 18 30.42 0.91 -7.82
N ASP A 19 30.70 -0.39 -7.63
CA ASP A 19 31.48 -1.22 -8.55
C ASP A 19 32.61 -0.43 -9.22
N HIS A 20 33.02 0.64 -8.53
CA HIS A 20 34.04 1.59 -8.94
C HIS A 20 34.45 1.51 -10.40
N GLY A 21 33.48 1.82 -11.24
CA GLY A 21 33.66 1.79 -12.68
C GLY A 21 32.29 2.10 -13.27
N GLU A 22 32.13 2.21 -14.57
CA GLU A 22 30.81 2.53 -15.06
C GLU A 22 30.13 1.42 -15.87
N LYS A 23 29.98 1.70 -17.19
CA LYS A 23 29.20 0.84 -18.10
C LYS A 23 27.80 0.77 -17.50
N LYS A 24 27.53 1.63 -16.51
CA LYS A 24 26.26 1.68 -15.78
C LYS A 24 25.45 2.93 -15.98
N LEU A 25 24.71 3.01 -17.08
CA LEU A 25 23.88 4.17 -17.24
C LEU A 25 22.52 3.80 -16.68
N ILE A 26 22.41 4.09 -15.39
CA ILE A 26 21.22 3.87 -14.62
C ILE A 26 20.22 4.83 -15.16
N SER A 27 20.75 5.95 -15.66
CA SER A 27 19.96 7.05 -16.19
C SER A 27 18.52 6.88 -16.43
N VAL A 28 17.87 6.33 -15.52
CA VAL A 28 16.55 6.69 -15.48
C VAL A 28 17.04 8.01 -14.86
N ASP A 29 16.35 8.77 -14.15
CA ASP A 29 16.89 10.02 -13.51
C ASP A 29 17.98 9.67 -12.54
N THR A 30 19.17 10.21 -12.70
CA THR A 30 20.21 9.81 -11.78
C THR A 30 21.53 10.58 -11.90
N GLU A 31 22.05 10.96 -10.73
CA GLU A 31 23.38 11.61 -10.61
C GLU A 31 23.78 12.08 -9.21
N HIS A 32 22.83 12.62 -8.49
CA HIS A 32 23.08 13.02 -7.12
C HIS A 32 23.17 11.72 -6.33
N SER A 33 24.24 10.94 -6.58
CA SER A 33 24.50 9.68 -5.88
C SER A 33 25.32 10.11 -4.68
N ASN A 34 26.19 11.10 -4.92
CA ASN A 34 27.04 11.56 -3.86
C ASN A 34 26.29 12.39 -2.79
N ILE A 35 25.67 11.62 -1.94
CA ILE A 35 24.93 12.00 -0.75
C ILE A 35 24.92 10.68 -0.04
N TYR A 36 24.40 9.71 -0.79
CA TYR A 36 24.29 8.34 -0.37
C TYR A 36 25.67 7.71 -0.25
N LEU A 37 26.46 7.79 -1.33
CA LEU A 37 27.79 7.18 -1.39
C LEU A 37 29.04 8.08 -1.19
N GLN A 38 28.83 9.34 -0.83
CA GLN A 38 29.93 10.28 -0.63
C GLN A 38 30.51 10.18 0.78
N ASN A 39 31.79 9.84 0.89
CA ASN A 39 32.44 9.78 2.21
C ASN A 39 32.80 11.22 2.56
N GLY A 40 33.19 11.51 3.80
CA GLY A 40 33.51 12.89 4.06
C GLY A 40 33.33 13.46 5.45
N PRO A 41 33.50 14.78 5.56
CA PRO A 41 33.40 15.58 6.78
C PRO A 41 32.25 15.14 7.68
N ASP A 42 31.05 15.05 7.10
CA ASP A 42 29.88 14.59 7.83
C ASP A 42 29.57 13.23 7.24
N ARG A 43 29.06 13.21 6.01
CA ARG A 43 28.68 11.96 5.33
C ARG A 43 29.61 10.75 5.55
N ILE A 44 29.04 9.55 5.50
CA ILE A 44 29.75 8.29 5.75
C ILE A 44 30.12 7.49 4.50
N GLY A 45 29.45 7.77 3.39
CA GLY A 45 29.76 7.04 2.17
C GLY A 45 29.02 5.74 2.05
N ARG A 46 29.52 4.82 1.26
CA ARG A 46 28.86 3.54 1.08
C ARG A 46 29.40 2.38 1.89
N LEU A 47 29.91 2.68 3.08
CA LEU A 47 30.46 1.67 3.98
C LEU A 47 29.86 1.83 5.36
N TYR A 48 29.18 0.79 5.81
CA TYR A 48 28.56 0.78 7.14
C TYR A 48 28.84 -0.56 7.81
N LYS A 49 29.12 -0.50 9.10
CA LYS A 49 29.36 -1.70 9.88
C LYS A 49 27.97 -2.21 10.20
N LYS A 50 27.74 -3.48 9.95
CA LYS A 50 26.45 -4.04 10.19
C LYS A 50 26.48 -5.55 10.43
N ALA A 51 25.89 -5.96 11.54
CA ALA A 51 25.80 -7.37 11.91
C ALA A 51 25.02 -8.14 10.85
N LEU A 52 25.32 -9.42 10.64
CA LEU A 52 24.58 -10.18 9.66
C LEU A 52 24.66 -11.73 9.68
N TYR A 53 23.55 -12.39 9.44
CA TYR A 53 23.50 -13.85 9.50
C TYR A 53 24.32 -14.51 8.43
N LEU A 54 25.14 -15.47 8.83
CA LEU A 54 25.99 -16.22 7.90
C LEU A 54 25.82 -17.70 8.12
N GLN A 55 26.01 -18.50 7.10
CA GLN A 55 25.83 -19.93 7.31
C GLN A 55 27.10 -20.75 7.50
N TYR A 56 27.29 -21.35 8.67
CA TYR A 56 28.47 -22.19 8.92
C TYR A 56 28.18 -23.67 8.79
N THR A 57 29.24 -24.41 8.45
CA THR A 57 29.19 -25.85 8.22
C THR A 57 28.89 -26.70 9.42
N ASP A 58 29.65 -26.41 10.48
CA ASP A 58 29.61 -27.16 11.73
C ASP A 58 29.22 -26.36 12.93
N GLU A 59 29.11 -27.09 14.05
CA GLU A 59 28.82 -26.51 15.36
C GLU A 59 30.03 -25.64 15.72
N THR A 60 31.09 -25.78 14.93
CA THR A 60 32.32 -25.00 15.06
C THR A 60 32.07 -23.86 14.11
N PHE A 61 31.65 -22.74 14.68
CA PHE A 61 31.36 -21.61 13.85
C PHE A 61 32.69 -20.98 13.43
N ARG A 62 33.29 -21.62 12.43
CA ARG A 62 34.58 -21.25 11.83
C ARG A 62 34.54 -21.44 10.30
N THR A 63 34.02 -22.58 9.86
CA THR A 63 33.90 -22.90 8.43
C THR A 63 32.55 -22.40 7.89
N THR A 64 32.59 -21.38 7.02
CA THR A 64 31.39 -20.78 6.43
C THR A 64 30.98 -21.35 5.08
N ILE A 65 29.70 -21.20 4.76
CA ILE A 65 29.17 -21.63 3.47
C ILE A 65 28.82 -20.34 2.75
N GLU A 66 29.12 -20.28 1.46
CA GLU A 66 28.85 -19.05 0.74
C GLU A 66 27.55 -18.92 0.01
N LYS A 67 26.84 -17.87 0.42
CA LYS A 67 25.55 -17.52 -0.13
C LYS A 67 25.71 -16.76 -1.44
N PRO A 68 24.80 -17.03 -2.41
CA PRO A 68 24.75 -16.42 -3.74
C PRO A 68 25.06 -14.94 -3.71
N VAL A 69 25.80 -14.52 -4.73
CA VAL A 69 26.21 -13.15 -4.89
C VAL A 69 25.05 -12.17 -4.91
N TRP A 70 23.97 -12.57 -5.59
CA TRP A 70 22.79 -11.73 -5.73
C TRP A 70 22.00 -11.57 -4.48
N LEU A 71 22.28 -12.40 -3.48
CA LEU A 71 21.58 -12.34 -2.22
C LEU A 71 21.93 -11.10 -1.44
N GLY A 72 23.09 -10.53 -1.72
CA GLY A 72 23.51 -9.34 -1.00
C GLY A 72 23.70 -9.66 0.47
N PHE A 73 23.33 -8.73 1.34
CA PHE A 73 23.48 -8.95 2.75
C PHE A 73 22.40 -9.75 3.49
N LEU A 74 21.45 -10.34 2.77
CA LEU A 74 20.42 -11.12 3.45
C LEU A 74 21.02 -12.37 4.12
N GLY A 75 20.26 -13.00 4.99
CA GLY A 75 20.75 -14.19 5.63
C GLY A 75 20.65 -15.37 4.69
N PRO A 76 21.28 -16.48 5.02
CA PRO A 76 21.25 -17.67 4.17
C PRO A 76 19.84 -18.20 3.95
N ILE A 77 19.58 -18.66 2.73
CA ILE A 77 18.29 -19.18 2.37
C ILE A 77 17.96 -20.42 3.18
N ILE A 78 16.91 -20.38 4.00
CA ILE A 78 16.52 -21.57 4.76
C ILE A 78 15.24 -22.10 4.12
N LYS A 79 15.22 -23.37 3.72
CA LYS A 79 14.01 -23.97 3.13
C LYS A 79 13.50 -25.14 3.95
N ALA A 80 12.26 -25.54 3.69
CA ALA A 80 11.64 -26.66 4.39
C ALA A 80 10.29 -26.94 3.76
N GLU A 81 10.06 -28.22 3.44
CA GLU A 81 8.81 -28.68 2.86
C GLU A 81 7.93 -28.95 4.07
N THR A 82 6.63 -29.01 3.86
CA THR A 82 5.70 -29.26 4.94
C THR A 82 5.98 -30.60 5.65
N GLY A 83 5.92 -30.60 6.97
CA GLY A 83 6.16 -31.82 7.72
C GLY A 83 7.59 -31.95 8.23
N ASP A 84 8.48 -31.05 7.79
CA ASP A 84 9.88 -31.05 8.19
C ASP A 84 10.06 -30.57 9.64
N LYS A 85 11.24 -30.82 10.21
CA LYS A 85 11.53 -30.47 11.59
C LYS A 85 12.72 -29.54 11.81
N VAL A 86 12.99 -28.68 10.85
CA VAL A 86 14.07 -27.70 10.94
C VAL A 86 14.53 -27.26 12.34
N TYR A 87 15.84 -27.43 12.58
CA TYR A 87 16.50 -27.01 13.82
C TYR A 87 17.48 -25.93 13.35
N VAL A 88 17.51 -24.75 13.98
CA VAL A 88 18.42 -23.69 13.57
C VAL A 88 19.40 -23.38 14.70
N HIS A 89 20.67 -23.73 14.48
CA HIS A 89 21.74 -23.54 15.45
C HIS A 89 22.38 -22.16 15.32
N LEU A 90 21.95 -21.26 16.19
CA LEU A 90 22.43 -19.91 16.17
C LEU A 90 23.54 -19.68 17.16
N LYS A 91 24.52 -18.87 16.78
CA LYS A 91 25.60 -18.54 17.70
C LYS A 91 25.87 -17.06 17.48
N ASN A 92 25.65 -16.24 18.51
CA ASN A 92 25.86 -14.79 18.39
C ASN A 92 27.31 -14.36 18.53
N LEU A 93 28.09 -14.39 17.46
CA LEU A 93 29.49 -13.96 17.55
C LEU A 93 29.61 -12.44 17.40
N ALA A 94 28.70 -11.68 18.00
CA ALA A 94 28.77 -10.23 17.84
C ALA A 94 28.79 -9.47 19.16
N SER A 95 28.92 -8.15 19.08
CA SER A 95 29.02 -7.31 20.28
C SER A 95 27.79 -7.11 21.15
N ARG A 96 26.65 -7.66 20.73
CA ARG A 96 25.42 -7.48 21.48
C ARG A 96 24.44 -8.58 21.13
N PRO A 97 23.41 -8.75 21.97
CA PRO A 97 22.34 -9.72 21.88
C PRO A 97 21.40 -9.63 20.67
N TYR A 98 21.16 -10.79 20.09
CA TYR A 98 20.31 -10.90 18.94
C TYR A 98 19.55 -12.19 19.05
N THR A 99 18.54 -12.37 18.20
CA THR A 99 17.74 -13.58 18.27
C THR A 99 17.43 -13.99 16.86
N PHE A 100 16.69 -15.08 16.74
CA PHE A 100 16.28 -15.57 15.46
C PHE A 100 14.82 -15.98 15.56
N HIS A 101 13.95 -15.06 15.16
CA HIS A 101 12.51 -15.28 15.12
C HIS A 101 12.16 -15.58 13.66
N SER A 102 11.45 -16.68 13.41
CA SER A 102 11.06 -17.01 12.03
C SER A 102 9.59 -16.61 11.83
N HIS A 103 9.17 -16.40 10.59
CA HIS A 103 7.82 -15.96 10.39
C HIS A 103 6.79 -17.02 10.12
N GLY A 104 7.02 -17.89 9.16
CA GLY A 104 5.97 -18.83 8.82
C GLY A 104 6.12 -20.29 9.11
N ILE A 105 6.16 -20.61 10.40
CA ILE A 105 6.37 -21.98 10.83
C ILE A 105 6.01 -22.06 12.33
N THR A 106 5.66 -23.24 12.83
CA THR A 106 5.27 -23.37 14.23
C THR A 106 6.37 -23.66 15.22
N TYR A 107 6.21 -23.16 16.44
CA TYR A 107 7.19 -23.36 17.50
C TYR A 107 6.54 -22.94 18.79
N TYR A 108 7.18 -23.23 19.92
CA TYR A 108 6.66 -22.88 21.24
C TYR A 108 7.35 -21.62 21.71
N LYS A 109 6.91 -21.03 22.82
CA LYS A 109 7.51 -19.79 23.32
C LYS A 109 9.02 -19.87 23.59
N GLU A 110 9.50 -21.10 23.65
CA GLU A 110 10.90 -21.37 23.87
C GLU A 110 11.60 -21.34 22.52
N HIS A 111 10.89 -21.03 21.45
CA HIS A 111 11.49 -21.00 20.13
C HIS A 111 10.99 -19.86 19.26
N GLU A 112 10.38 -18.87 19.89
CA GLU A 112 9.87 -17.74 19.17
C GLU A 112 11.04 -16.82 18.85
N GLY A 113 11.96 -16.67 19.79
CA GLY A 113 13.11 -15.81 19.58
C GLY A 113 12.63 -14.39 19.42
N ALA A 114 11.74 -13.96 20.30
CA ALA A 114 11.15 -12.63 20.28
C ALA A 114 10.92 -12.22 21.71
N ILE A 115 11.15 -10.96 22.03
CA ILE A 115 11.03 -10.58 23.42
C ILE A 115 9.97 -9.55 23.71
N TYR A 116 9.08 -9.88 24.65
CA TYR A 116 7.99 -8.97 25.05
C TYR A 116 7.26 -9.49 26.29
N PRO A 117 6.52 -8.65 27.02
CA PRO A 117 5.83 -9.18 28.19
C PRO A 117 4.79 -10.23 27.80
N ASP A 118 5.19 -11.48 27.76
CA ASP A 118 4.27 -12.56 27.40
C ASP A 118 3.99 -13.49 28.58
N ASN A 119 4.23 -12.98 29.79
CA ASN A 119 4.07 -13.73 31.01
C ASN A 119 4.76 -15.10 31.06
N THR A 120 5.82 -15.26 30.27
CA THR A 120 6.57 -16.50 30.30
C THR A 120 7.68 -16.43 31.33
N THR A 121 8.25 -17.59 31.61
CA THR A 121 9.28 -17.70 32.60
C THR A 121 10.56 -18.29 31.98
N ASP A 122 11.61 -18.22 32.75
CA ASP A 122 12.98 -18.55 32.36
C ASP A 122 13.25 -19.59 31.31
N PHE A 123 12.74 -20.80 31.45
CA PHE A 123 13.05 -21.81 30.45
C PHE A 123 12.57 -21.46 29.05
N GLN A 124 11.54 -20.62 28.99
CA GLN A 124 10.95 -20.19 27.73
C GLN A 124 11.49 -18.86 27.20
N ARG A 125 12.36 -18.24 27.99
CA ARG A 125 12.99 -16.98 27.61
C ARG A 125 14.47 -17.07 27.21
N ALA A 126 14.98 -18.29 27.05
CA ALA A 126 16.36 -18.46 26.68
C ALA A 126 16.57 -18.01 25.24
N ASP A 127 15.55 -18.28 24.42
CA ASP A 127 15.48 -17.98 22.99
C ASP A 127 15.22 -16.51 22.74
N ASP A 128 14.33 -15.98 23.55
CA ASP A 128 13.84 -14.62 23.44
C ASP A 128 14.98 -13.57 23.58
N LYS A 129 16.21 -13.95 23.97
CA LYS A 129 17.33 -12.95 23.91
C LYS A 129 18.77 -13.58 24.05
N VAL A 130 19.45 -13.90 22.90
CA VAL A 130 20.83 -14.51 22.93
C VAL A 130 21.96 -13.48 23.10
N TYR A 131 22.72 -13.62 24.18
CA TYR A 131 23.85 -12.74 24.50
C TYR A 131 25.07 -13.10 23.67
N PRO A 132 26.04 -12.18 23.58
CA PRO A 132 27.26 -12.44 22.82
C PRO A 132 27.91 -13.70 23.37
N GLY A 133 28.29 -14.61 22.48
CA GLY A 133 28.95 -15.83 22.92
C GLY A 133 28.04 -16.98 23.27
N GLU A 134 26.77 -16.68 23.56
CA GLU A 134 25.82 -17.74 23.89
C GLU A 134 25.43 -18.41 22.57
N GLN A 135 24.97 -19.64 22.66
CA GLN A 135 24.57 -20.39 21.48
C GLN A 135 23.15 -20.84 21.86
N TYR A 136 22.28 -21.05 20.86
CA TYR A 136 20.92 -21.51 21.13
C TYR A 136 20.41 -22.20 19.91
N THR A 137 19.84 -23.38 20.06
CA THR A 137 19.32 -24.03 18.89
C THR A 137 17.81 -23.97 18.92
N TYR A 138 17.27 -23.34 17.88
CA TYR A 138 15.85 -23.15 17.68
C TYR A 138 15.22 -24.34 16.98
N MET A 139 14.12 -24.86 17.52
CA MET A 139 13.46 -25.99 16.88
C MET A 139 12.17 -25.49 16.28
N LEU A 140 12.00 -25.77 14.99
CA LEU A 140 10.83 -25.32 14.28
C LEU A 140 10.08 -26.48 13.63
N LEU A 141 8.77 -26.31 13.49
CA LEU A 141 7.91 -27.33 12.92
C LEU A 141 7.14 -26.87 11.71
N ALA A 142 7.35 -27.51 10.59
CA ALA A 142 6.62 -27.16 9.38
C ALA A 142 5.27 -27.85 9.49
N THR A 143 4.33 -27.18 10.14
CA THR A 143 3.01 -27.75 10.30
C THR A 143 2.19 -27.59 9.04
N GLU A 144 1.10 -28.33 9.00
CA GLU A 144 0.20 -28.29 7.85
C GLU A 144 -0.59 -26.99 7.91
N GLU A 145 -0.69 -26.40 9.10
CA GLU A 145 -1.39 -25.15 9.27
C GLU A 145 -0.64 -24.00 8.56
N GLN A 146 0.69 -24.04 8.58
CA GLN A 146 1.50 -23.00 7.94
C GLN A 146 1.80 -23.40 6.50
N SER A 147 1.26 -24.53 6.07
CA SER A 147 1.49 -24.99 4.71
C SER A 147 0.96 -23.99 3.71
N PRO A 148 1.65 -23.84 2.57
CA PRO A 148 1.15 -22.88 1.58
C PRO A 148 -0.29 -23.28 1.17
N GLY A 149 -1.12 -22.25 1.02
CA GLY A 149 -2.52 -22.43 0.66
C GLY A 149 -2.82 -23.38 -0.48
N GLU A 150 -4.04 -23.89 -0.51
CA GLU A 150 -4.45 -24.84 -1.54
C GLU A 150 -4.30 -24.23 -2.93
N GLY A 151 -4.30 -22.91 -2.98
CA GLY A 151 -4.16 -22.23 -4.25
C GLY A 151 -2.93 -21.35 -4.34
N ASP A 152 -1.98 -21.54 -3.43
CA ASP A 152 -0.73 -20.77 -3.45
C ASP A 152 0.21 -21.61 -4.35
N GLY A 153 1.40 -21.09 -4.64
CA GLY A 153 2.35 -21.85 -5.44
C GLY A 153 2.81 -23.06 -4.65
N ASN A 154 3.96 -23.66 -4.97
CA ASN A 154 4.45 -24.81 -4.21
C ASN A 154 5.26 -24.35 -3.01
N CYS A 155 5.85 -23.19 -3.16
CA CYS A 155 6.70 -22.62 -2.15
C CYS A 155 6.43 -21.12 -2.00
N VAL A 156 5.87 -20.70 -0.87
CA VAL A 156 5.62 -19.27 -0.65
C VAL A 156 6.87 -18.65 -0.07
N THR A 157 6.87 -17.34 0.11
CA THR A 157 8.04 -16.69 0.65
C THR A 157 7.80 -16.21 2.07
N ARG A 158 8.69 -16.54 3.00
CA ARG A 158 8.57 -16.10 4.40
C ARG A 158 9.92 -15.53 4.82
N ILE A 159 10.00 -14.94 6.01
CA ILE A 159 11.23 -14.34 6.46
C ILE A 159 11.58 -14.61 7.90
N TYR A 160 12.87 -14.51 8.23
CA TYR A 160 13.34 -14.68 9.60
C TYR A 160 14.14 -13.43 9.87
N HIS A 161 14.15 -12.97 11.12
CA HIS A 161 14.86 -11.75 11.47
C HIS A 161 15.03 -11.69 12.99
N SER A 162 15.91 -10.82 13.47
CA SER A 162 16.14 -10.71 14.89
C SER A 162 14.97 -9.97 15.51
N HIS A 163 14.74 -10.12 16.83
CA HIS A 163 13.60 -9.47 17.49
C HIS A 163 13.80 -8.88 18.91
N ILE A 164 14.94 -8.27 19.24
CA ILE A 164 14.99 -7.66 20.58
C ILE A 164 14.13 -6.40 20.38
N ASP A 165 14.62 -5.59 19.42
CA ASP A 165 13.95 -4.42 18.86
C ASP A 165 14.08 -4.64 17.34
N ALA A 166 13.09 -5.30 16.74
CA ALA A 166 13.14 -5.65 15.33
C ALA A 166 13.47 -4.55 14.33
N PRO A 167 12.81 -3.40 14.41
CA PRO A 167 13.17 -2.37 13.43
C PRO A 167 14.69 -2.13 13.40
N LYS A 168 15.27 -1.90 14.58
CA LYS A 168 16.71 -1.68 14.70
C LYS A 168 17.52 -2.93 14.35
N ASP A 169 17.14 -4.09 14.88
CA ASP A 169 17.88 -5.28 14.55
C ASP A 169 17.89 -5.50 13.05
N ILE A 170 16.81 -5.16 12.38
CA ILE A 170 16.71 -5.40 10.94
C ILE A 170 17.46 -4.35 10.16
N ALA A 171 17.38 -3.11 10.61
CA ALA A 171 18.11 -2.07 9.92
C ALA A 171 19.57 -2.45 10.06
N SER A 172 19.94 -2.98 11.22
CA SER A 172 21.30 -3.37 11.47
C SER A 172 21.79 -4.45 10.51
N GLY A 173 20.87 -5.20 9.90
CA GLY A 173 21.27 -6.19 8.92
C GLY A 173 20.83 -7.60 9.17
N LEU A 174 20.04 -7.80 10.21
CA LEU A 174 19.64 -9.16 10.53
C LEU A 174 18.31 -9.61 9.97
N ILE A 175 18.33 -10.13 8.74
CA ILE A 175 17.11 -10.61 8.11
C ILE A 175 17.41 -11.50 6.92
N GLY A 176 16.67 -12.60 6.77
CA GLY A 176 16.92 -13.52 5.69
C GLY A 176 15.67 -14.22 5.24
N PRO A 177 15.71 -14.93 4.11
CA PRO A 177 14.58 -15.65 3.55
C PRO A 177 14.34 -16.98 4.16
N LEU A 178 13.06 -17.34 4.29
CA LEU A 178 12.63 -18.63 4.78
C LEU A 178 11.58 -19.03 3.75
N ILE A 179 11.91 -19.98 2.88
CA ILE A 179 11.00 -20.42 1.84
C ILE A 179 10.33 -21.70 2.26
N ILE A 180 9.00 -21.72 2.29
CA ILE A 180 8.23 -22.88 2.68
C ILE A 180 7.52 -23.56 1.51
N CYS A 181 7.85 -24.81 1.28
CA CYS A 181 7.24 -25.59 0.21
C CYS A 181 6.21 -26.53 0.75
N LYS A 182 5.28 -26.97 -0.08
CA LYS A 182 4.31 -27.94 0.40
C LYS A 182 4.99 -29.31 0.40
N LYS A 183 4.23 -30.38 0.57
CA LYS A 183 4.78 -31.73 0.80
C LYS A 183 6.06 -32.11 0.04
N ASP A 184 6.04 -32.48 -1.20
CA ASP A 184 7.31 -32.79 -1.82
C ASP A 184 7.45 -31.97 -3.04
N SER A 185 7.39 -30.69 -2.80
CA SER A 185 7.52 -29.76 -3.84
C SER A 185 8.98 -29.67 -4.25
N LEU A 186 9.85 -29.68 -3.26
CA LEU A 186 11.27 -29.56 -3.42
C LEU A 186 12.00 -30.83 -3.94
N ASP A 187 13.21 -30.62 -4.52
CA ASP A 187 14.08 -31.73 -5.04
C ASP A 187 15.53 -31.37 -5.27
N LYS A 188 16.37 -31.65 -4.32
CA LYS A 188 17.76 -31.22 -4.39
C LYS A 188 17.78 -29.73 -4.00
N GLU A 189 16.91 -29.49 -2.98
CA GLU A 189 16.66 -28.20 -2.28
C GLU A 189 16.35 -27.08 -3.24
N LYS A 190 15.59 -27.44 -4.25
CA LYS A 190 15.13 -26.53 -5.29
C LYS A 190 13.81 -27.11 -5.79
N GLU A 191 12.89 -26.23 -6.16
CA GLU A 191 11.59 -26.66 -6.63
C GLU A 191 11.63 -27.62 -7.81
N LYS A 192 10.86 -28.69 -7.70
CA LYS A 192 10.79 -29.74 -8.71
C LYS A 192 10.81 -29.34 -10.18
N HIS A 193 10.24 -28.21 -10.57
CA HIS A 193 10.27 -27.89 -12.00
C HIS A 193 10.64 -26.49 -12.35
N ILE A 194 11.54 -25.90 -11.58
CA ILE A 194 11.98 -24.54 -11.82
C ILE A 194 13.42 -24.59 -12.30
N ASP A 195 13.87 -23.53 -12.96
CA ASP A 195 15.23 -23.48 -13.44
C ASP A 195 16.00 -22.55 -12.53
N ARG A 196 15.48 -21.36 -12.31
CA ARG A 196 16.14 -20.39 -11.45
C ARG A 196 15.18 -19.99 -10.35
N GLU A 197 15.69 -19.84 -9.12
CA GLU A 197 14.88 -19.42 -8.00
C GLU A 197 15.68 -18.27 -7.42
N PHE A 198 15.08 -17.10 -7.26
CA PHE A 198 15.77 -15.94 -6.70
C PHE A 198 15.02 -15.37 -5.52
N VAL A 199 15.69 -14.52 -4.75
CA VAL A 199 15.09 -13.90 -3.59
C VAL A 199 15.50 -12.47 -3.71
N VAL A 200 14.54 -11.57 -3.56
CA VAL A 200 14.77 -10.16 -3.71
C VAL A 200 14.04 -9.42 -2.62
N MET A 201 14.73 -8.52 -1.94
CA MET A 201 14.09 -7.77 -0.90
C MET A 201 14.18 -6.32 -1.22
N PHE A 202 13.06 -5.66 -1.45
CA PHE A 202 13.12 -4.23 -1.71
C PHE A 202 13.09 -3.62 -0.35
N SER A 203 13.90 -2.57 -0.15
CA SER A 203 13.97 -1.86 1.12
C SER A 203 14.86 -0.61 1.06
N VAL A 204 14.42 0.44 1.74
CA VAL A 204 15.22 1.65 1.96
C VAL A 204 15.96 1.37 3.25
N VAL A 205 16.96 0.48 3.19
CA VAL A 205 17.69 0.09 4.39
C VAL A 205 18.15 1.33 5.11
N ASP A 206 17.39 1.81 6.07
CA ASP A 206 17.73 3.03 6.77
C ASP A 206 18.81 2.92 7.84
N GLU A 207 20.05 3.23 7.46
CA GLU A 207 21.16 3.14 8.40
C GLU A 207 21.05 3.97 9.64
N ASN A 208 20.17 4.95 9.68
CA ASN A 208 20.03 5.73 10.89
C ASN A 208 19.46 4.91 12.05
N PHE A 209 18.92 3.74 11.76
CA PHE A 209 18.35 2.93 12.82
C PHE A 209 19.31 1.89 13.39
N SER A 210 20.23 1.40 12.56
CA SER A 210 21.23 0.40 12.95
C SER A 210 21.94 0.77 14.23
N TRP A 211 22.18 -0.25 15.05
CA TRP A 211 22.87 -0.10 16.33
C TRP A 211 24.26 0.55 16.17
N TYR A 212 24.87 0.31 15.01
CA TYR A 212 26.20 0.79 14.68
C TYR A 212 26.24 2.19 14.07
N LEU A 213 25.28 3.03 14.37
CA LEU A 213 25.32 4.35 13.79
C LEU A 213 26.56 5.06 14.27
N GLU A 214 26.71 5.08 15.59
CA GLU A 214 27.84 5.72 16.23
C GLU A 214 29.13 5.15 15.65
N ASP A 215 29.30 3.84 15.77
CA ASP A 215 30.51 3.20 15.25
C ASP A 215 30.78 3.56 13.79
N ASN A 216 29.73 3.90 13.04
CA ASN A 216 29.91 4.26 11.65
C ASN A 216 30.29 5.71 11.50
N ILE A 217 29.70 6.57 12.32
CA ILE A 217 30.02 7.99 12.27
C ILE A 217 31.47 8.18 12.70
N LYS A 218 31.76 7.80 13.94
CA LYS A 218 33.10 7.93 14.52
C LYS A 218 34.17 7.33 13.66
N THR A 219 33.80 6.38 12.84
CA THR A 219 34.77 5.77 11.98
C THR A 219 34.98 6.54 10.65
N TYR A 220 33.93 6.68 9.84
CA TYR A 220 34.11 7.21 8.48
C TYR A 220 34.02 8.72 8.27
N CYS A 221 33.18 9.42 9.03
CA CYS A 221 33.13 10.85 8.84
C CYS A 221 34.53 11.32 9.18
N SER A 222 35.14 12.13 8.32
CA SER A 222 36.48 12.64 8.59
C SER A 222 36.44 13.55 9.81
N GLU A 223 35.33 14.29 9.95
CA GLU A 223 35.14 15.21 11.08
C GLU A 223 34.01 14.76 11.98
N PRO A 224 34.01 13.49 12.45
CA PRO A 224 32.96 12.94 13.32
C PRO A 224 32.56 13.94 14.37
N GLU A 225 33.50 14.84 14.63
CA GLU A 225 33.30 15.91 15.57
C GLU A 225 31.95 16.59 15.36
N LYS A 226 31.67 17.07 14.13
CA LYS A 226 30.48 17.88 13.94
C LYS A 226 29.36 17.36 13.05
N VAL A 227 28.79 16.20 13.36
CA VAL A 227 27.67 15.72 12.55
C VAL A 227 26.42 15.81 13.42
N ASP A 228 25.35 16.31 12.84
CA ASP A 228 24.12 16.41 13.59
C ASP A 228 23.33 15.21 13.12
N LYS A 229 23.08 14.28 14.02
CA LYS A 229 22.32 13.10 13.66
C LYS A 229 20.86 13.48 13.43
N ASP A 230 20.44 14.55 14.12
CA ASP A 230 19.09 15.09 14.04
C ASP A 230 18.93 16.00 12.82
N ASN A 231 19.81 15.86 11.84
CA ASN A 231 19.77 16.67 10.63
C ASN A 231 19.17 15.90 9.46
N GLU A 232 18.11 16.48 8.90
CA GLU A 232 17.38 15.90 7.78
C GLU A 232 18.27 15.26 6.70
N ASP A 233 19.23 16.03 6.19
CA ASP A 233 20.13 15.56 5.13
C ASP A 233 21.12 14.46 5.54
N PHE A 234 21.52 14.50 6.80
CA PHE A 234 22.42 13.51 7.33
C PHE A 234 21.61 12.21 7.32
N GLN A 235 20.38 12.29 7.85
CA GLN A 235 19.51 11.14 7.87
C GLN A 235 19.28 10.61 6.45
N GLU A 236 18.92 11.50 5.53
CA GLU A 236 18.70 11.08 4.15
C GLU A 236 19.95 10.44 3.58
N SER A 237 21.11 10.92 4.02
CA SER A 237 22.37 10.39 3.53
C SER A 237 22.70 9.01 4.05
N ASN A 238 21.81 8.45 4.87
CA ASN A 238 22.00 7.10 5.42
C ASN A 238 20.91 6.15 4.96
N ARG A 239 19.99 6.66 4.15
CA ARG A 239 18.89 5.82 3.67
C ARG A 239 19.26 5.19 2.34
N MET A 240 19.61 3.91 2.38
CA MET A 240 20.07 3.21 1.19
C MET A 240 19.06 2.47 0.36
N TYR A 241 18.42 3.20 -0.55
CA TYR A 241 17.40 2.63 -1.42
C TYR A 241 18.02 1.47 -2.18
N SER A 242 17.63 0.23 -1.88
CA SER A 242 18.29 -0.89 -2.51
C SER A 242 17.57 -2.08 -2.59
N VAL A 243 17.77 -2.71 -3.66
CA VAL A 243 17.23 -3.95 -3.63
C VAL A 243 17.96 -4.93 -2.73
N ASN A 244 18.82 -5.81 -3.14
CA ASN A 244 19.20 -6.80 -2.12
C ASN A 244 20.25 -6.30 -1.16
N GLY A 245 20.15 -5.04 -0.84
CA GLY A 245 21.13 -4.39 -0.04
C GLY A 245 21.97 -3.52 -0.99
N TYR A 246 22.04 -3.90 -2.27
CA TYR A 246 22.84 -3.14 -3.24
C TYR A 246 22.06 -1.91 -3.81
N THR A 247 22.73 -0.72 -4.00
CA THR A 247 21.98 0.54 -4.29
C THR A 247 21.97 1.31 -5.60
N PHE A 248 22.81 1.11 -6.55
CA PHE A 248 22.70 1.91 -7.76
C PHE A 248 23.15 1.06 -8.90
N GLY A 249 22.28 0.19 -9.35
CA GLY A 249 22.63 -0.66 -10.43
C GLY A 249 23.64 -1.72 -10.05
N SER A 250 23.99 -1.71 -8.77
CA SER A 250 24.98 -2.63 -8.22
C SER A 250 24.65 -4.13 -8.12
N LEU A 251 23.38 -4.53 -8.11
CA LEU A 251 23.09 -5.96 -7.98
C LEU A 251 23.63 -6.85 -9.12
N PRO A 252 24.56 -7.75 -8.77
CA PRO A 252 25.22 -8.71 -9.66
C PRO A 252 24.52 -10.05 -9.62
N GLY A 253 25.03 -11.00 -10.38
CA GLY A 253 24.47 -12.35 -10.37
C GLY A 253 23.18 -12.67 -11.08
N LEU A 254 22.24 -11.72 -11.18
CA LEU A 254 20.95 -12.00 -11.83
C LEU A 254 21.13 -12.38 -13.31
N SER A 255 21.11 -13.69 -13.57
CA SER A 255 21.32 -14.22 -14.92
C SER A 255 20.56 -15.52 -15.20
N MET A 256 19.82 -15.54 -16.31
CA MET A 256 19.03 -16.72 -16.72
C MET A 256 19.16 -16.88 -18.22
N CYS A 257 18.59 -17.95 -18.72
CA CYS A 257 18.58 -18.22 -20.13
C CYS A 257 17.17 -17.95 -20.67
N ALA A 258 17.04 -17.80 -21.98
CA ALA A 258 15.73 -17.61 -22.58
C ALA A 258 15.00 -18.94 -22.38
N GLU A 259 13.69 -18.89 -22.22
CA GLU A 259 12.86 -20.08 -21.97
C GLU A 259 13.21 -20.72 -20.61
N ASP A 260 13.63 -19.87 -19.67
CA ASP A 260 14.01 -20.29 -18.32
C ASP A 260 12.83 -20.08 -17.38
N ARG A 261 12.40 -21.13 -16.67
CA ARG A 261 11.30 -21.05 -15.70
C ARG A 261 11.77 -20.48 -14.32
N VAL A 262 11.78 -19.17 -14.20
CA VAL A 262 12.21 -18.47 -12.99
C VAL A 262 11.05 -18.24 -11.99
N LYS A 263 11.32 -18.40 -10.70
CA LYS A 263 10.32 -18.17 -9.66
C LYS A 263 10.97 -17.12 -8.75
N TRP A 264 10.31 -15.99 -8.53
CA TRP A 264 10.90 -14.95 -7.71
C TRP A 264 10.19 -14.79 -6.37
N TYR A 265 10.94 -14.79 -5.27
CA TYR A 265 10.38 -14.61 -3.94
C TYR A 265 10.70 -13.18 -3.51
N LEU A 266 9.69 -12.33 -3.49
CA LEU A 266 9.90 -10.95 -3.10
C LEU A 266 9.43 -10.77 -1.68
N PHE A 267 9.66 -9.56 -1.17
CA PHE A 267 9.22 -9.13 0.14
C PHE A 267 9.79 -7.75 0.40
N GLY A 268 8.98 -6.81 0.87
CA GLY A 268 9.51 -5.49 1.13
C GLY A 268 10.00 -5.56 2.56
N MET A 269 10.37 -4.42 3.11
CA MET A 269 10.87 -4.39 4.48
C MET A 269 11.14 -2.92 4.68
N GLY A 270 10.79 -2.33 5.83
CA GLY A 270 11.04 -0.91 5.97
C GLY A 270 10.14 -0.09 6.88
N ASN A 271 10.14 1.21 6.66
CA ASN A 271 9.32 2.12 7.46
C ASN A 271 8.14 2.54 6.58
N GLU A 272 7.51 3.66 6.87
CA GLU A 272 6.38 4.09 6.08
C GLU A 272 6.67 4.83 4.79
N VAL A 273 7.93 4.81 4.38
CA VAL A 273 8.30 5.44 3.13
C VAL A 273 8.65 4.26 2.26
N ASP A 274 8.23 3.08 2.68
CA ASP A 274 8.55 1.90 1.90
C ASP A 274 7.41 1.40 1.04
N VAL A 275 6.99 2.29 0.15
CA VAL A 275 5.92 2.01 -0.78
C VAL A 275 6.67 1.65 -2.06
N HIS A 276 6.83 0.36 -2.31
CA HIS A 276 7.55 -0.09 -3.47
C HIS A 276 6.67 -0.54 -4.61
N ALA A 277 7.28 -0.64 -5.79
CA ALA A 277 6.61 -1.06 -7.01
C ALA A 277 7.64 -1.80 -7.83
N ALA A 278 7.91 -3.04 -7.47
CA ALA A 278 8.89 -3.84 -8.19
C ALA A 278 8.44 -4.00 -9.63
N PHE A 279 9.35 -3.81 -10.58
CA PHE A 279 9.03 -3.90 -11.99
C PHE A 279 10.18 -4.52 -12.76
N PHE A 280 9.90 -5.60 -13.48
CA PHE A 280 10.90 -6.31 -14.26
C PHE A 280 10.78 -5.95 -15.74
N HIS A 281 11.23 -4.74 -16.06
CA HIS A 281 11.15 -4.19 -17.41
C HIS A 281 11.00 -5.08 -18.61
N GLY A 282 11.85 -6.09 -18.70
CA GLY A 282 11.76 -6.92 -19.87
C GLY A 282 10.54 -7.77 -20.08
N GLN A 283 10.08 -8.54 -19.10
CA GLN A 283 9.05 -9.48 -19.45
C GLN A 283 7.75 -9.53 -18.69
N ALA A 284 7.10 -10.68 -18.85
CA ALA A 284 5.84 -11.01 -18.24
C ALA A 284 6.03 -11.93 -17.03
N LEU A 285 6.69 -11.44 -15.95
CA LEU A 285 6.66 -12.17 -14.69
C LEU A 285 5.24 -12.02 -14.33
N THR A 286 4.45 -13.00 -14.74
CA THR A 286 3.04 -12.87 -14.57
C THR A 286 2.39 -14.11 -14.10
N ASN A 287 2.89 -14.73 -13.06
CA ASN A 287 2.16 -15.88 -12.69
C ASN A 287 1.73 -15.83 -11.14
N LYS A 288 1.39 -14.63 -10.48
CA LYS A 288 0.95 -14.68 -9.02
C LYS A 288 -0.18 -15.75 -8.87
N ASN A 289 -1.26 -15.59 -9.62
CA ASN A 289 -2.37 -16.57 -9.72
C ASN A 289 -2.98 -16.29 -11.06
N TYR A 290 -2.76 -15.01 -11.37
CA TYR A 290 -3.16 -14.31 -12.59
C TYR A 290 -1.93 -13.56 -13.11
N ARG A 291 -2.10 -12.79 -14.19
CA ARG A 291 -1.01 -12.03 -14.83
C ARG A 291 -0.73 -10.69 -14.18
N ILE A 292 0.39 -10.55 -13.49
CA ILE A 292 0.75 -9.26 -12.86
C ILE A 292 1.97 -8.67 -13.59
N ASP A 293 2.00 -7.35 -13.74
CA ASP A 293 3.11 -6.69 -14.44
C ASP A 293 4.07 -5.96 -13.49
N THR A 294 3.51 -5.39 -12.43
CA THR A 294 4.28 -4.67 -11.41
C THR A 294 3.83 -5.21 -10.03
N ILE A 295 4.77 -5.38 -9.10
CA ILE A 295 4.52 -5.96 -7.79
C ILE A 295 4.72 -5.02 -6.61
N ASN A 296 3.64 -4.62 -5.96
CA ASN A 296 3.77 -3.71 -4.84
C ASN A 296 4.24 -4.44 -3.59
N LEU A 297 5.15 -3.82 -2.85
CA LEU A 297 5.71 -4.41 -1.65
C LEU A 297 5.82 -3.34 -0.61
N PHE A 298 5.47 -3.70 0.62
CA PHE A 298 5.51 -2.79 1.78
C PHE A 298 6.22 -3.49 2.93
N PRO A 299 6.37 -2.81 4.07
CA PRO A 299 7.06 -3.48 5.17
C PRO A 299 6.55 -4.91 5.49
N ALA A 300 7.32 -5.91 5.09
CA ALA A 300 7.01 -7.33 5.34
C ALA A 300 5.98 -7.97 4.45
N THR A 301 5.77 -7.38 3.29
CA THR A 301 4.84 -7.92 2.32
C THR A 301 5.49 -9.17 1.75
N LEU A 302 4.88 -10.34 1.93
CA LEU A 302 5.49 -11.54 1.41
C LEU A 302 4.82 -11.89 0.08
N PHE A 303 5.60 -11.91 -1.01
CA PHE A 303 5.05 -12.15 -2.34
C PHE A 303 5.90 -13.10 -3.19
N ASP A 304 5.26 -13.99 -3.95
CA ASP A 304 5.97 -14.93 -4.84
C ASP A 304 5.43 -14.82 -6.28
N ALA A 305 6.31 -14.76 -7.28
CA ALA A 305 5.90 -14.63 -8.69
C ALA A 305 6.59 -15.67 -9.56
N TYR A 306 6.01 -15.95 -10.71
CA TYR A 306 6.60 -16.92 -11.63
C TYR A 306 6.76 -16.28 -13.00
N MET A 307 7.95 -16.38 -13.54
CA MET A 307 8.28 -15.80 -14.82
C MET A 307 8.80 -16.92 -15.71
N VAL A 308 8.85 -16.64 -16.96
CA VAL A 308 9.48 -17.50 -17.95
C VAL A 308 10.32 -16.52 -18.72
N ALA A 309 11.60 -16.50 -18.38
CA ALA A 309 12.55 -15.60 -19.02
C ALA A 309 12.44 -15.76 -20.53
N GLN A 310 12.07 -14.68 -21.19
CA GLN A 310 11.93 -14.64 -22.64
C GLN A 310 12.45 -13.28 -23.08
N ASN A 311 12.44 -13.00 -24.37
CA ASN A 311 12.92 -11.70 -24.87
C ASN A 311 14.34 -11.43 -24.37
N PRO A 312 15.32 -12.24 -24.84
CA PRO A 312 16.74 -12.13 -24.48
C PRO A 312 17.25 -10.70 -24.54
N GLY A 313 18.17 -10.38 -23.63
CA GLY A 313 18.76 -9.04 -23.57
C GLY A 313 19.09 -8.54 -22.16
N GLU A 314 19.76 -7.40 -22.06
CA GLU A 314 20.12 -6.84 -20.77
C GLU A 314 18.94 -5.99 -20.36
N TRP A 315 18.16 -6.50 -19.41
CA TRP A 315 16.99 -5.80 -18.93
C TRP A 315 17.20 -5.03 -17.64
N MET A 316 16.10 -4.68 -16.96
CA MET A 316 16.23 -3.92 -15.73
C MET A 316 15.09 -4.20 -14.77
N LEU A 317 15.42 -4.17 -13.48
CA LEU A 317 14.47 -4.37 -12.39
C LEU A 317 14.51 -3.06 -11.63
N SER A 318 13.37 -2.45 -11.40
CA SER A 318 13.40 -1.21 -10.66
C SER A 318 12.17 -1.10 -9.78
N CYS A 319 12.08 -0.01 -9.03
CA CYS A 319 10.94 0.19 -8.19
C CYS A 319 10.26 1.46 -8.74
N GLN A 320 9.16 1.27 -9.47
CA GLN A 320 8.45 2.37 -10.09
C GLN A 320 8.01 3.48 -9.17
N ASN A 321 8.21 3.36 -7.89
CA ASN A 321 7.97 4.51 -7.05
C ASN A 321 8.95 5.54 -7.56
N LEU A 322 8.47 6.69 -8.04
CA LEU A 322 9.38 7.69 -8.58
C LEU A 322 10.49 8.11 -7.68
N ASN A 323 10.18 8.54 -6.47
CA ASN A 323 11.24 8.95 -5.55
C ASN A 323 12.31 7.90 -5.31
N HIS A 324 11.92 6.64 -5.29
CA HIS A 324 12.86 5.58 -5.08
C HIS A 324 13.68 5.41 -6.34
N LEU A 325 13.03 5.54 -7.49
CA LEU A 325 13.73 5.41 -8.76
C LEU A 325 14.90 6.41 -8.90
N LYS A 326 14.69 7.66 -8.51
CA LYS A 326 15.74 8.65 -8.62
C LYS A 326 16.72 8.65 -7.47
N ALA A 327 16.40 7.89 -6.42
CA ALA A 327 17.29 7.76 -5.28
C ALA A 327 18.03 6.46 -5.57
N GLY A 328 17.95 6.04 -6.83
CA GLY A 328 18.68 4.89 -7.29
C GLY A 328 18.38 3.53 -6.74
N LEU A 329 17.24 2.98 -7.13
CA LEU A 329 16.85 1.65 -6.71
C LEU A 329 16.69 0.86 -7.99
N GLN A 330 17.77 0.72 -8.73
CA GLN A 330 17.66 -0.07 -9.96
C GLN A 330 18.62 -1.26 -9.84
N ALA A 331 18.44 -2.30 -10.66
CA ALA A 331 19.33 -3.48 -10.63
C ALA A 331 19.27 -4.29 -11.91
N PHE A 332 20.35 -4.31 -12.67
CA PHE A 332 20.31 -5.03 -13.93
C PHE A 332 20.22 -6.51 -13.66
N PHE A 333 19.62 -7.22 -14.61
CA PHE A 333 19.48 -8.68 -14.58
C PHE A 333 19.44 -9.07 -16.06
N GLN A 334 19.79 -10.29 -16.41
CA GLN A 334 19.75 -10.60 -17.83
C GLN A 334 19.40 -12.00 -18.31
N VAL A 335 18.66 -12.06 -19.42
CA VAL A 335 18.28 -13.33 -20.03
C VAL A 335 19.13 -13.52 -21.27
N GLN A 336 20.15 -14.34 -21.13
CA GLN A 336 21.07 -14.63 -22.19
C GLN A 336 20.38 -15.49 -23.23
N GLU A 337 20.72 -15.26 -24.48
CA GLU A 337 20.20 -16.06 -25.57
C GLU A 337 21.12 -17.28 -25.48
N CYS A 338 20.67 -18.30 -24.77
CA CYS A 338 21.48 -19.49 -24.62
C CYS A 338 21.16 -20.46 -25.74
N ILE A 347 5.33 -16.76 -36.63
CA ILE A 347 4.45 -16.42 -35.47
C ILE A 347 4.64 -14.94 -35.09
N ARG A 348 3.55 -14.30 -34.66
CA ARG A 348 3.57 -12.89 -34.24
C ARG A 348 2.17 -12.44 -33.81
N GLY A 349 1.30 -12.27 -34.81
CA GLY A 349 0.07 -11.43 -34.57
C GLY A 349 -0.16 -10.31 -35.61
N LYS A 350 -0.64 -10.70 -36.77
CA LYS A 350 -0.78 -9.81 -37.93
C LYS A 350 -1.69 -8.61 -37.82
N HIS A 351 -2.78 -8.74 -37.09
CA HIS A 351 -3.70 -7.62 -36.97
C HIS A 351 -2.98 -6.37 -36.43
N VAL A 352 -2.54 -5.50 -37.33
CA VAL A 352 -1.83 -4.29 -36.92
C VAL A 352 -2.74 -3.17 -36.45
N ARG A 353 -2.59 -2.75 -35.20
CA ARG A 353 -3.38 -1.63 -34.72
C ARG A 353 -2.42 -0.44 -34.94
N HIS A 354 -2.85 0.57 -35.70
CA HIS A 354 -1.98 1.72 -35.94
C HIS A 354 -2.54 2.99 -35.26
N TYR A 355 -1.73 3.60 -34.40
CA TYR A 355 -2.13 4.82 -33.71
C TYR A 355 -1.15 5.90 -34.08
N TYR A 356 -1.62 7.13 -34.08
CA TYR A 356 -0.79 8.27 -34.44
C TYR A 356 -0.97 9.19 -33.27
N ILE A 357 0.09 9.47 -32.55
CA ILE A 357 -0.08 10.32 -31.40
C ILE A 357 0.97 11.38 -31.39
N ALA A 358 0.59 12.55 -30.97
CA ALA A 358 1.50 13.65 -30.90
C ALA A 358 1.49 14.10 -29.45
N ALA A 359 2.62 14.47 -28.91
CA ALA A 359 2.61 15.07 -27.60
C ALA A 359 2.45 16.55 -27.88
N GLU A 360 1.51 17.23 -27.24
CA GLU A 360 1.31 18.66 -27.50
C GLU A 360 1.20 19.35 -26.19
N GLU A 361 1.38 20.65 -26.19
CA GLU A 361 1.29 21.35 -24.93
C GLU A 361 -0.02 22.10 -24.86
N ILE A 362 -0.52 22.30 -23.63
CA ILE A 362 -1.75 23.05 -23.43
C ILE A 362 -1.75 23.65 -22.06
N ILE A 363 -2.80 24.39 -21.81
CA ILE A 363 -2.96 25.03 -20.55
C ILE A 363 -4.11 24.28 -19.91
N TRP A 364 -3.76 23.28 -19.10
CA TRP A 364 -4.77 22.48 -18.41
C TRP A 364 -5.33 23.24 -17.21
N ASN A 365 -6.64 23.17 -17.05
CA ASN A 365 -7.28 23.81 -15.92
C ASN A 365 -7.77 22.63 -15.08
N TYR A 366 -7.32 22.57 -13.84
CA TYR A 366 -7.68 21.46 -12.96
C TYR A 366 -9.12 21.46 -12.51
N ALA A 367 -9.78 22.60 -12.62
CA ALA A 367 -11.17 22.73 -12.19
C ALA A 367 -11.95 23.88 -12.85
N PRO A 368 -12.38 23.68 -14.10
CA PRO A 368 -13.13 24.63 -14.93
C PRO A 368 -14.25 25.41 -14.26
N SER A 369 -15.25 24.74 -13.72
CA SER A 369 -16.33 25.48 -13.07
C SER A 369 -15.77 26.43 -12.01
N GLY A 370 -14.52 26.25 -11.62
CA GLY A 370 -13.90 27.12 -10.64
C GLY A 370 -14.64 27.09 -9.33
N ILE A 371 -15.42 26.03 -9.14
CA ILE A 371 -16.20 25.86 -7.95
C ILE A 371 -16.13 24.41 -7.48
N ASP A 372 -16.30 24.21 -6.18
CA ASP A 372 -16.28 22.88 -5.57
C ASP A 372 -17.67 22.31 -5.79
N ILE A 373 -17.81 21.49 -6.83
CA ILE A 373 -19.11 20.89 -7.15
C ILE A 373 -19.80 20.27 -5.94
N PHE A 374 -19.02 19.66 -5.06
CA PHE A 374 -19.55 19.01 -3.88
C PHE A 374 -20.21 20.04 -2.98
N THR A 375 -19.57 21.17 -2.72
CA THR A 375 -20.20 22.17 -1.84
C THR A 375 -20.72 23.44 -2.50
N LYS A 376 -20.61 23.54 -3.82
CA LYS A 376 -21.08 24.72 -4.51
C LYS A 376 -20.42 25.98 -3.93
N GLU A 377 -19.24 25.85 -3.33
CA GLU A 377 -18.53 27.00 -2.77
C GLU A 377 -17.44 27.43 -3.76
N ASN A 378 -16.95 28.66 -3.64
CA ASN A 378 -15.93 29.16 -4.56
C ASN A 378 -14.59 28.51 -4.25
N LEU A 379 -13.99 27.92 -5.27
CA LEU A 379 -12.73 27.20 -5.18
C LEU A 379 -11.54 27.98 -4.61
N THR A 380 -11.73 29.25 -4.24
CA THR A 380 -10.65 30.05 -3.68
C THR A 380 -11.18 30.84 -2.52
N ALA A 381 -12.20 30.31 -1.86
CA ALA A 381 -12.77 31.02 -0.72
C ALA A 381 -11.61 31.19 0.25
N PRO A 382 -11.57 32.31 0.97
CA PRO A 382 -10.47 32.53 1.91
C PRO A 382 -10.39 31.42 2.98
N GLY A 383 -9.21 30.83 3.14
CA GLY A 383 -9.00 29.79 4.12
C GLY A 383 -9.95 28.60 3.99
N SER A 384 -9.67 27.76 3.01
CA SER A 384 -10.50 26.60 2.76
C SER A 384 -9.63 25.50 2.18
N ASP A 385 -10.17 24.30 2.09
CA ASP A 385 -9.45 23.15 1.56
C ASP A 385 -8.78 23.63 0.27
N SER A 386 -9.64 23.87 -0.72
CA SER A 386 -9.31 24.31 -2.07
C SER A 386 -8.34 25.48 -2.17
N ALA A 387 -8.67 26.57 -1.44
CA ALA A 387 -7.88 27.80 -1.43
C ALA A 387 -6.40 27.61 -1.79
N VAL A 388 -5.64 26.98 -0.91
CA VAL A 388 -4.22 26.76 -1.17
C VAL A 388 -3.85 26.35 -2.60
N PHE A 389 -4.59 25.40 -3.18
CA PHE A 389 -4.26 24.92 -4.51
C PHE A 389 -4.67 25.86 -5.62
N PHE A 390 -5.69 26.65 -5.36
CA PHE A 390 -6.23 27.54 -6.39
C PHE A 390 -6.02 29.03 -6.22
N GLU A 391 -5.57 29.47 -5.04
CA GLU A 391 -5.32 30.89 -4.76
C GLU A 391 -4.30 31.27 -5.82
N GLN A 392 -4.46 32.44 -6.45
CA GLN A 392 -3.53 32.92 -7.49
C GLN A 392 -3.07 34.33 -7.19
N GLY A 393 -1.78 34.58 -7.39
CA GLY A 393 -1.26 35.91 -7.13
C GLY A 393 0.25 36.00 -7.26
N THR A 394 0.86 36.81 -6.41
CA THR A 394 2.31 37.01 -6.42
C THR A 394 3.14 35.73 -6.54
N THR A 395 3.14 34.89 -5.51
CA THR A 395 3.94 33.68 -5.56
C THR A 395 3.20 32.34 -5.64
N ARG A 396 1.93 32.37 -6.03
CA ARG A 396 1.12 31.15 -6.15
C ARG A 396 0.60 31.04 -7.60
N ILE A 397 0.98 29.98 -8.31
CA ILE A 397 0.54 29.80 -9.69
C ILE A 397 -1.00 29.73 -9.78
N GLY A 398 -1.63 28.95 -8.90
CA GLY A 398 -3.09 28.86 -8.90
C GLY A 398 -3.76 27.64 -9.52
N GLY A 399 -4.84 27.90 -10.27
CA GLY A 399 -5.63 26.85 -10.91
C GLY A 399 -5.17 26.13 -12.18
N SER A 400 -4.87 26.87 -13.25
CA SER A 400 -4.46 26.26 -14.51
C SER A 400 -2.94 26.26 -14.71
N TYR A 401 -2.41 25.19 -15.30
CA TYR A 401 -0.98 25.09 -15.49
C TYR A 401 -0.69 24.62 -16.92
N LYS A 402 0.24 25.30 -17.57
CA LYS A 402 0.64 24.94 -18.93
C LYS A 402 1.20 23.54 -18.77
N LYS A 403 0.44 22.55 -19.20
CA LYS A 403 0.89 21.18 -19.10
C LYS A 403 1.32 20.73 -20.46
N LEU A 404 1.50 19.43 -20.67
CA LEU A 404 1.94 18.92 -21.96
C LEU A 404 1.41 17.48 -22.00
N VAL A 405 0.63 17.11 -23.02
CA VAL A 405 0.03 15.77 -23.09
C VAL A 405 -0.28 15.18 -24.48
N TYR A 406 -0.39 13.83 -24.53
CA TYR A 406 -0.70 13.09 -25.76
C TYR A 406 -2.14 13.29 -26.27
N ARG A 407 -2.30 13.42 -27.58
CA ARG A 407 -3.60 13.58 -28.23
C ARG A 407 -3.55 12.78 -29.49
N GLU A 408 -4.64 12.13 -29.85
CA GLU A 408 -4.61 11.33 -31.06
C GLU A 408 -4.85 12.18 -32.30
N TYR A 409 -4.41 11.67 -33.45
CA TYR A 409 -4.55 12.32 -34.75
C TYR A 409 -4.97 11.29 -35.78
N THR A 410 -5.52 11.77 -36.89
CA THR A 410 -6.02 10.89 -37.94
C THR A 410 -5.02 10.08 -38.77
N ASP A 411 -3.85 10.66 -39.06
CA ASP A 411 -2.83 9.97 -39.84
C ASP A 411 -1.46 10.62 -39.64
N ALA A 412 -0.42 10.02 -40.22
CA ALA A 412 0.95 10.53 -40.12
C ALA A 412 0.94 12.04 -40.37
N SER A 413 -0.09 12.47 -41.07
CA SER A 413 -0.35 13.86 -41.37
C SER A 413 -0.83 14.40 -40.03
N PHE A 414 0.08 14.78 -39.14
CA PHE A 414 -0.36 15.31 -37.85
C PHE A 414 -0.96 16.70 -38.00
N THR A 415 -2.09 16.73 -38.70
CA THR A 415 -2.84 17.94 -39.04
C THR A 415 -4.18 18.08 -38.31
N ASN A 416 -4.94 16.99 -38.25
CA ASN A 416 -6.23 17.02 -37.57
C ASN A 416 -6.37 15.93 -36.51
N ARG A 417 -6.84 16.36 -35.33
CA ARG A 417 -7.03 15.45 -34.20
C ARG A 417 -8.19 14.52 -34.49
N LYS A 418 -8.53 13.72 -33.49
CA LYS A 418 -9.66 12.82 -33.62
C LYS A 418 -10.69 13.38 -32.69
N GLU A 419 -11.95 13.38 -33.12
CA GLU A 419 -12.98 13.91 -32.26
C GLU A 419 -13.23 12.99 -31.08
N ARG A 420 -13.14 13.59 -29.89
CA ARG A 420 -13.37 12.90 -28.64
C ARG A 420 -14.85 12.93 -28.28
N GLY A 421 -15.52 11.78 -28.44
CA GLY A 421 -16.93 11.71 -28.13
C GLY A 421 -17.31 11.97 -26.69
N PRO A 422 -18.61 12.01 -26.38
CA PRO A 422 -19.03 12.25 -25.00
C PRO A 422 -18.59 11.02 -24.20
N GLU A 423 -18.43 9.91 -24.92
CA GLU A 423 -17.99 8.65 -24.37
C GLU A 423 -16.63 8.89 -23.71
N GLU A 424 -15.69 9.41 -24.48
CA GLU A 424 -14.36 9.68 -23.95
C GLU A 424 -14.20 11.05 -23.29
N GLU A 425 -15.31 11.71 -22.97
CA GLU A 425 -15.20 13.01 -22.34
C GLU A 425 -14.54 12.88 -20.96
N HIS A 426 -14.89 11.84 -20.20
CA HIS A 426 -14.33 11.64 -18.87
C HIS A 426 -12.82 11.49 -18.88
N LEU A 427 -12.25 11.04 -19.99
CA LEU A 427 -10.81 10.84 -20.08
C LEU A 427 -9.96 11.97 -19.56
N GLY A 428 -10.49 13.18 -19.55
CA GLY A 428 -9.76 14.33 -19.05
C GLY A 428 -8.41 14.52 -19.71
N ILE A 429 -7.39 14.68 -18.88
CA ILE A 429 -6.02 14.88 -19.30
C ILE A 429 -5.35 13.63 -19.85
N LEU A 430 -5.88 12.46 -19.54
CA LEU A 430 -5.26 11.25 -20.03
C LEU A 430 -5.09 11.21 -21.54
N GLY A 431 -4.20 10.36 -22.01
CA GLY A 431 -3.97 10.27 -23.45
C GLY A 431 -5.00 9.42 -24.12
N PRO A 432 -4.86 9.16 -25.42
CA PRO A 432 -5.83 8.33 -26.13
C PRO A 432 -5.68 6.86 -25.83
N VAL A 433 -6.77 6.23 -25.48
CA VAL A 433 -6.77 4.80 -25.19
C VAL A 433 -6.08 4.06 -26.33
N ILE A 434 -5.07 3.30 -26.03
CA ILE A 434 -4.46 2.41 -27.00
C ILE A 434 -4.96 1.06 -26.60
N TRP A 435 -5.37 0.22 -27.54
CA TRP A 435 -5.88 -1.08 -27.13
C TRP A 435 -5.62 -2.11 -28.17
N ALA A 436 -5.82 -3.38 -27.82
CA ALA A 436 -5.57 -4.45 -28.76
C ALA A 436 -5.93 -5.79 -28.16
N GLU A 437 -5.86 -6.83 -28.97
CA GLU A 437 -6.19 -8.14 -28.49
C GLU A 437 -4.99 -9.06 -28.47
N VAL A 438 -5.10 -10.15 -27.71
CA VAL A 438 -4.03 -11.11 -27.62
C VAL A 438 -3.84 -11.62 -29.06
N GLY A 439 -2.60 -11.53 -29.54
CA GLY A 439 -2.26 -11.99 -30.87
C GLY A 439 -2.17 -10.86 -31.87
N ASP A 440 -2.01 -9.64 -31.39
CA ASP A 440 -1.93 -8.47 -32.27
C ASP A 440 -0.54 -7.84 -32.24
N THR A 441 -0.38 -6.75 -32.98
CA THR A 441 0.85 -5.99 -33.07
C THR A 441 0.39 -4.54 -32.98
N ILE A 442 1.11 -3.68 -32.30
CA ILE A 442 0.69 -2.30 -32.20
C ILE A 442 1.75 -1.43 -32.81
N ARG A 443 1.36 -0.36 -33.47
CA ARG A 443 2.32 0.55 -34.06
C ARG A 443 1.91 1.96 -33.78
N VAL A 444 2.51 2.55 -32.77
CA VAL A 444 2.18 3.91 -32.42
C VAL A 444 3.20 4.80 -33.10
N THR A 445 2.69 5.73 -33.92
CA THR A 445 3.52 6.68 -34.61
C THR A 445 3.52 7.92 -33.74
N PHE A 446 4.53 8.01 -32.89
CA PHE A 446 4.63 9.16 -32.00
C PHE A 446 5.26 10.31 -32.74
N HIS A 447 4.86 11.52 -32.42
CA HIS A 447 5.39 12.70 -33.06
C HIS A 447 5.50 13.75 -31.98
N ASN A 448 6.71 13.97 -31.49
CA ASN A 448 6.91 14.94 -30.43
C ASN A 448 6.58 16.30 -30.96
N LYS A 449 6.17 17.23 -30.09
CA LYS A 449 5.80 18.58 -30.50
C LYS A 449 5.96 19.56 -29.34
N GLY A 450 6.77 19.19 -28.36
CA GLY A 450 6.96 20.05 -27.21
C GLY A 450 8.38 20.54 -27.19
N ALA A 451 8.72 21.34 -26.21
CA ALA A 451 10.08 21.84 -26.11
C ALA A 451 11.09 20.84 -25.52
N TYR A 452 10.70 19.57 -25.35
CA TYR A 452 11.57 18.55 -24.74
C TYR A 452 11.43 17.19 -25.38
N PRO A 453 12.47 16.36 -25.29
CA PRO A 453 12.39 15.03 -25.89
C PRO A 453 11.55 14.22 -24.93
N LEU A 454 10.86 13.25 -25.49
CA LEU A 454 9.95 12.45 -24.71
C LEU A 454 9.96 11.15 -25.48
N SER A 455 8.97 10.28 -25.23
CA SER A 455 8.84 8.99 -25.91
C SER A 455 7.67 8.30 -25.24
N ILE A 456 7.32 7.09 -25.66
CA ILE A 456 6.25 6.42 -24.97
C ILE A 456 6.65 5.02 -24.55
N GLU A 457 6.58 4.84 -23.23
CA GLU A 457 6.87 3.56 -22.56
C GLU A 457 5.51 2.92 -22.29
N PRO A 458 5.34 1.67 -22.72
CA PRO A 458 4.11 0.89 -22.54
C PRO A 458 4.27 -0.25 -21.51
N ILE A 459 3.48 -0.19 -20.44
CA ILE A 459 3.53 -1.23 -19.42
C ILE A 459 2.56 -2.32 -19.88
N GLY A 460 3.00 -3.58 -19.95
CA GLY A 460 2.06 -4.62 -20.33
C GLY A 460 2.11 -5.31 -21.67
N VAL A 461 2.86 -4.75 -22.60
CA VAL A 461 2.96 -5.35 -23.92
C VAL A 461 4.35 -5.91 -24.08
N ARG A 462 4.54 -6.75 -25.09
CA ARG A 462 5.85 -7.36 -25.36
C ARG A 462 6.60 -6.51 -26.39
N PHE A 463 7.78 -5.99 -26.04
CA PHE A 463 8.54 -5.18 -26.99
C PHE A 463 10.03 -5.47 -26.96
N ASN A 464 10.66 -5.39 -28.13
CA ASN A 464 12.10 -5.64 -28.24
C ASN A 464 12.88 -4.41 -27.76
N LYS A 465 14.20 -4.57 -27.65
CA LYS A 465 15.10 -3.51 -27.16
C LYS A 465 15.17 -2.26 -28.04
N ASN A 466 14.74 -2.39 -29.29
CA ASN A 466 14.75 -1.26 -30.21
C ASN A 466 13.55 -0.39 -29.92
N ASN A 467 12.59 -0.93 -29.18
CA ASN A 467 11.39 -0.19 -28.84
C ASN A 467 11.27 0.21 -27.38
N GLU A 468 12.29 -0.13 -26.60
CA GLU A 468 12.38 0.23 -25.19
C GLU A 468 12.16 1.73 -25.19
N GLY A 469 11.32 2.22 -24.29
CA GLY A 469 11.03 3.64 -24.23
C GLY A 469 11.84 4.43 -23.21
N THR A 470 12.83 3.79 -22.59
CA THR A 470 13.72 4.43 -21.60
C THR A 470 15.15 3.98 -21.89
N TYR A 471 16.10 4.64 -21.26
CA TYR A 471 17.48 4.26 -21.47
C TYR A 471 18.27 4.01 -20.16
N TYR A 472 18.70 2.77 -20.01
CA TYR A 472 19.58 2.28 -18.94
C TYR A 472 20.62 1.44 -19.74
N SER A 473 21.93 1.47 -19.42
CA SER A 473 22.94 0.87 -20.34
C SER A 473 23.45 -0.60 -20.11
N PRO A 474 24.00 -0.89 -18.92
CA PRO A 474 24.76 -2.17 -18.56
C PRO A 474 23.92 -3.50 -18.51
N VAL A 483 21.06 13.97 -35.27
CA VAL A 483 20.56 13.23 -34.07
C VAL A 483 19.23 12.54 -34.37
N PRO A 484 19.27 11.26 -34.78
CA PRO A 484 18.03 10.52 -35.08
C PRO A 484 17.14 10.31 -33.84
N PRO A 485 15.84 10.00 -34.08
CA PRO A 485 14.97 9.77 -32.94
C PRO A 485 15.01 8.28 -32.64
N SER A 486 15.34 7.93 -31.41
CA SER A 486 15.37 6.53 -31.03
C SER A 486 14.15 6.31 -30.14
N ALA A 487 13.73 5.04 -30.01
CA ALA A 487 12.57 4.68 -29.19
C ALA A 487 12.62 5.37 -27.82
N SER A 488 13.85 5.49 -27.33
CA SER A 488 14.15 6.08 -26.05
C SER A 488 14.30 7.60 -26.15
N HIS A 489 14.61 8.09 -27.34
CA HIS A 489 14.81 9.52 -27.52
C HIS A 489 14.26 10.09 -28.80
N VAL A 490 13.07 10.64 -28.68
CA VAL A 490 12.43 11.26 -29.78
C VAL A 490 12.54 12.73 -29.42
N ALA A 491 13.41 13.44 -30.15
CA ALA A 491 13.68 14.86 -29.95
C ALA A 491 12.52 15.74 -30.37
N PRO A 492 12.43 16.94 -29.79
CA PRO A 492 11.41 17.96 -30.03
C PRO A 492 10.68 18.00 -31.34
N THR A 493 11.28 17.56 -32.42
CA THR A 493 10.49 17.67 -33.64
C THR A 493 10.44 16.40 -34.45
N GLU A 494 11.30 15.46 -34.10
CA GLU A 494 11.37 14.19 -34.79
C GLU A 494 10.08 13.40 -34.56
N THR A 495 10.02 12.19 -35.10
CA THR A 495 8.85 11.32 -34.93
C THR A 495 9.38 9.89 -35.05
N PHE A 496 8.67 8.93 -34.44
CA PHE A 496 9.11 7.54 -34.43
C PHE A 496 7.92 6.57 -34.40
N THR A 497 8.09 5.38 -34.99
CA THR A 497 7.04 4.36 -35.02
C THR A 497 7.40 3.11 -34.20
N TYR A 498 6.96 3.11 -32.94
CA TYR A 498 7.21 1.99 -32.03
C TYR A 498 6.37 0.83 -32.50
N GLU A 499 6.88 -0.37 -32.37
CA GLU A 499 6.12 -1.54 -32.75
C GLU A 499 6.11 -2.41 -31.49
N TRP A 500 4.93 -2.85 -31.06
CA TRP A 500 4.79 -3.68 -29.87
C TRP A 500 4.01 -4.92 -30.28
N THR A 501 4.15 -5.98 -29.49
CA THR A 501 3.46 -7.23 -29.77
C THR A 501 2.69 -7.65 -28.54
N VAL A 502 1.58 -8.32 -28.76
CA VAL A 502 0.78 -8.73 -27.64
C VAL A 502 0.62 -10.21 -27.80
N PRO A 503 1.67 -10.98 -27.56
CA PRO A 503 1.67 -12.45 -27.68
C PRO A 503 0.97 -13.07 -26.46
N LYS A 504 0.62 -14.36 -26.54
CA LYS A 504 -0.06 -15.02 -25.42
C LYS A 504 0.60 -14.75 -24.08
N GLU A 505 1.92 -14.98 -24.00
CA GLU A 505 2.69 -14.78 -22.79
C GLU A 505 2.87 -13.32 -22.41
N VAL A 506 1.79 -12.57 -22.44
CA VAL A 506 1.82 -11.15 -22.07
C VAL A 506 0.37 -10.66 -21.95
N GLY A 507 -0.58 -11.53 -22.28
CA GLY A 507 -1.98 -11.20 -22.20
C GLY A 507 -2.75 -12.11 -21.22
N PRO A 508 -4.01 -11.75 -20.95
CA PRO A 508 -4.82 -12.34 -19.87
C PRO A 508 -4.78 -13.85 -19.69
N THR A 509 -4.52 -14.20 -18.41
CA THR A 509 -4.55 -15.57 -17.92
C THR A 509 -5.98 -16.04 -17.99
N ASN A 510 -6.19 -17.36 -17.95
CA ASN A 510 -7.55 -17.89 -17.94
C ASN A 510 -8.34 -17.22 -16.82
N ALA A 511 -7.78 -17.19 -15.62
CA ALA A 511 -8.46 -16.62 -14.47
C ALA A 511 -8.60 -15.09 -14.48
N ASP A 512 -8.00 -14.45 -15.48
CA ASP A 512 -8.04 -12.99 -15.61
C ASP A 512 -9.33 -12.55 -16.28
N PRO A 513 -9.67 -11.26 -16.17
CA PRO A 513 -10.90 -10.78 -16.80
C PRO A 513 -10.67 -10.77 -18.32
N VAL A 514 -11.58 -10.15 -19.05
CA VAL A 514 -11.49 -10.09 -20.50
C VAL A 514 -10.46 -9.05 -20.94
N CYS A 515 -10.32 -8.00 -20.15
CA CYS A 515 -9.38 -6.94 -20.46
C CYS A 515 -8.65 -6.48 -19.21
N LEU A 516 -7.37 -6.19 -19.36
CA LEU A 516 -6.56 -5.74 -18.25
C LEU A 516 -6.34 -4.25 -18.35
N ALA A 517 -6.64 -3.53 -17.29
CA ALA A 517 -6.40 -2.10 -17.34
C ALA A 517 -4.88 -1.99 -17.45
N LYS A 518 -4.40 -1.17 -18.39
CA LYS A 518 -2.96 -0.97 -18.56
C LYS A 518 -2.69 0.51 -18.77
N MET A 519 -1.44 0.88 -19.06
CA MET A 519 -1.06 2.30 -19.23
C MET A 519 0.25 2.46 -20.03
N TYR A 520 0.58 3.71 -20.32
CA TYR A 520 1.81 4.08 -21.03
C TYR A 520 2.13 5.53 -20.66
N TYR A 521 3.42 5.83 -20.55
CA TYR A 521 3.84 7.18 -20.18
C TYR A 521 5.16 7.47 -20.85
N SER A 522 5.57 8.74 -20.78
CA SER A 522 6.81 9.21 -21.37
C SER A 522 7.95 8.83 -20.45
N ALA A 523 8.82 7.95 -20.94
CA ALA A 523 9.95 7.50 -20.14
C ALA A 523 11.33 8.01 -20.51
N VAL A 524 11.41 9.26 -20.94
CA VAL A 524 12.72 9.80 -21.24
C VAL A 524 13.28 10.02 -19.82
N ASP A 525 12.43 10.58 -18.95
CA ASP A 525 12.72 10.84 -17.52
C ASP A 525 11.41 10.69 -16.73
N PRO A 526 11.04 9.45 -16.37
CA PRO A 526 9.79 9.24 -15.63
C PRO A 526 9.54 10.18 -14.47
N THR A 527 10.51 10.36 -13.60
CA THR A 527 10.27 11.21 -12.44
C THR A 527 9.77 12.63 -12.75
N LYS A 528 9.82 13.05 -14.01
CA LYS A 528 9.40 14.39 -14.43
C LYS A 528 8.39 14.42 -15.58
N ASP A 529 8.57 13.53 -16.55
CA ASP A 529 7.66 13.48 -17.69
C ASP A 529 6.19 13.32 -17.27
N ILE A 530 5.90 12.22 -16.58
CA ILE A 530 4.54 11.96 -16.13
C ILE A 530 3.92 13.19 -15.48
N PHE A 531 4.48 13.69 -14.40
CA PHE A 531 3.84 14.83 -13.76
C PHE A 531 3.51 15.99 -14.67
N THR A 532 4.21 16.12 -15.79
CA THR A 532 3.93 17.22 -16.72
C THR A 532 2.64 16.93 -17.53
N GLY A 533 2.38 15.66 -17.77
CA GLY A 533 1.19 15.29 -18.50
C GLY A 533 1.31 14.08 -19.38
N LEU A 534 2.45 13.40 -19.43
CA LEU A 534 2.49 12.27 -20.35
C LEU A 534 2.13 10.88 -19.84
N ILE A 535 0.83 10.64 -19.66
CA ILE A 535 0.33 9.33 -19.17
C ILE A 535 -0.99 8.97 -19.86
N GLY A 536 -1.13 7.75 -20.35
CA GLY A 536 -2.36 7.39 -21.02
C GLY A 536 -2.80 5.96 -20.78
N PRO A 537 -4.10 5.71 -20.85
CA PRO A 537 -4.69 4.39 -20.65
C PRO A 537 -4.32 3.47 -21.77
N MET A 538 -4.44 2.18 -21.53
CA MET A 538 -4.14 1.16 -22.52
C MET A 538 -5.01 -0.02 -22.10
N LYS A 539 -5.34 -0.91 -23.01
CA LYS A 539 -6.20 -2.01 -22.67
C LYS A 539 -5.83 -3.23 -23.50
N ILE A 540 -5.37 -4.28 -22.84
CA ILE A 540 -4.98 -5.49 -23.54
C ILE A 540 -6.06 -6.52 -23.28
N CYS A 541 -6.61 -7.12 -24.33
CA CYS A 541 -7.68 -8.06 -24.11
C CYS A 541 -7.50 -9.43 -24.68
N LYS A 542 -8.26 -10.39 -24.16
CA LYS A 542 -8.20 -11.75 -24.66
C LYS A 542 -8.60 -11.65 -26.12
N LYS A 543 -8.04 -12.51 -26.95
CA LYS A 543 -8.35 -12.47 -28.37
C LYS A 543 -9.84 -12.57 -28.71
N GLY A 544 -10.29 -11.60 -29.50
CA GLY A 544 -11.68 -11.58 -29.94
C GLY A 544 -12.69 -11.21 -28.88
N SER A 545 -12.35 -10.19 -28.09
CA SER A 545 -13.25 -9.74 -27.05
C SER A 545 -13.70 -8.32 -27.34
N LEU A 546 -13.26 -7.81 -28.47
CA LEU A 546 -13.58 -6.46 -28.82
C LEU A 546 -14.20 -6.29 -30.17
N HIS A 547 -15.03 -5.26 -30.26
CA HIS A 547 -15.68 -4.92 -31.50
C HIS A 547 -14.71 -4.04 -32.22
N ALA A 548 -15.05 -3.73 -33.47
CA ALA A 548 -14.22 -2.89 -34.34
C ALA A 548 -13.85 -1.54 -33.73
N ASN A 549 -14.71 -1.02 -32.87
CA ASN A 549 -14.50 0.28 -32.22
C ASN A 549 -13.61 0.25 -30.98
N GLY A 550 -13.26 -0.95 -30.54
CA GLY A 550 -12.42 -1.13 -29.37
C GLY A 550 -13.20 -1.32 -28.08
N ARG A 551 -14.49 -1.60 -28.20
CA ARG A 551 -15.31 -1.79 -27.04
C ARG A 551 -15.58 -3.24 -26.79
N GLN A 552 -15.53 -3.61 -25.53
CA GLN A 552 -15.79 -4.97 -25.16
C GLN A 552 -17.19 -5.34 -25.65
N LYS A 553 -17.45 -6.62 -25.86
CA LYS A 553 -18.69 -7.08 -26.53
C LYS A 553 -20.03 -7.01 -25.77
N ASP A 554 -20.12 -7.28 -24.50
CA ASP A 554 -21.43 -7.21 -23.87
C ASP A 554 -21.42 -6.19 -22.77
N VAL A 555 -20.53 -5.22 -22.92
CA VAL A 555 -20.35 -4.24 -21.90
C VAL A 555 -20.94 -2.87 -22.26
N ASP A 556 -21.76 -2.32 -21.39
CA ASP A 556 -22.39 -1.05 -21.69
C ASP A 556 -21.48 0.13 -21.56
N LYS A 557 -20.67 0.22 -20.50
CA LYS A 557 -19.80 1.38 -20.37
C LYS A 557 -18.40 0.99 -19.89
N GLU A 558 -17.38 1.58 -20.51
CA GLU A 558 -15.98 1.33 -20.15
C GLU A 558 -15.37 2.68 -19.76
N PHE A 559 -14.96 2.82 -18.50
CA PHE A 559 -14.37 4.05 -17.97
C PHE A 559 -12.91 3.84 -17.59
N TYR A 560 -12.12 4.93 -17.55
CA TYR A 560 -10.70 4.88 -17.19
C TYR A 560 -10.43 5.96 -16.16
N LEU A 561 -9.93 5.56 -15.00
CA LEU A 561 -9.67 6.50 -13.92
C LEU A 561 -8.20 6.47 -13.51
N PHE A 562 -7.62 7.67 -13.34
CA PHE A 562 -6.23 7.83 -12.95
C PHE A 562 -6.16 8.89 -11.87
N PRO A 563 -6.17 8.44 -10.62
CA PRO A 563 -6.09 9.33 -9.46
C PRO A 563 -4.62 9.46 -9.09
N THR A 564 -4.13 10.68 -8.91
CA THR A 564 -2.71 10.93 -8.59
C THR A 564 -2.58 12.30 -8.00
N VAL A 565 -1.38 12.63 -7.54
CA VAL A 565 -1.12 13.97 -7.03
C VAL A 565 -0.21 14.55 -8.08
N PHE A 566 -0.79 15.26 -9.05
CA PHE A 566 0.00 15.88 -10.10
C PHE A 566 0.87 16.87 -9.42
N ASP A 567 2.13 16.49 -9.34
CA ASP A 567 3.16 17.30 -8.70
C ASP A 567 3.63 18.33 -9.69
N GLU A 568 3.05 19.52 -9.65
CA GLU A 568 3.44 20.56 -10.60
C GLU A 568 4.85 21.10 -10.42
N ASN A 569 5.37 21.04 -9.19
CA ASN A 569 6.73 21.49 -8.91
C ASN A 569 7.75 20.62 -9.67
N GLU A 570 7.31 19.47 -10.17
CA GLU A 570 8.21 18.60 -10.89
C GLU A 570 7.87 18.54 -12.38
N SER A 571 7.14 19.53 -12.87
CA SER A 571 6.77 19.58 -14.28
C SER A 571 7.97 20.14 -15.07
N LEU A 572 8.18 19.64 -16.28
CA LEU A 572 9.27 20.16 -17.12
C LEU A 572 8.97 21.64 -17.34
N LEU A 573 7.68 21.94 -17.54
CA LEU A 573 7.20 23.30 -17.78
C LEU A 573 6.97 24.12 -16.50
N LEU A 574 7.66 23.82 -15.40
CA LEU A 574 7.42 24.58 -14.17
C LEU A 574 7.82 26.03 -14.25
N GLU A 575 9.03 26.27 -14.75
CA GLU A 575 9.53 27.62 -14.87
C GLU A 575 8.57 28.48 -15.66
N ASP A 576 8.28 28.01 -16.88
CA ASP A 576 7.35 28.72 -17.76
C ASP A 576 6.12 29.02 -16.93
N ASN A 577 5.56 27.99 -16.30
CA ASN A 577 4.37 28.15 -15.48
C ASN A 577 4.50 29.19 -14.40
N ILE A 578 5.71 29.39 -13.86
CA ILE A 578 5.87 30.41 -12.83
C ILE A 578 5.76 31.74 -13.55
N ARG A 579 6.53 31.84 -14.64
CA ARG A 579 6.59 33.03 -15.47
C ARG A 579 5.23 33.49 -15.95
N MET A 580 4.41 32.55 -16.41
CA MET A 580 3.08 32.87 -16.91
C MET A 580 2.03 33.32 -15.91
N PHE A 581 1.85 32.56 -14.83
CA PHE A 581 0.79 32.88 -13.88
C PHE A 581 1.12 33.65 -12.60
N THR A 582 2.38 33.66 -12.16
CA THR A 582 2.68 34.42 -10.96
C THR A 582 2.80 35.91 -11.25
N THR A 583 2.39 36.72 -10.28
CA THR A 583 2.44 38.17 -10.38
C THR A 583 3.77 38.73 -9.93
N ALA A 584 4.69 37.83 -9.82
CA ALA A 584 6.04 38.14 -9.41
C ALA A 584 6.78 36.89 -9.43
N PRO A 585 7.42 36.59 -10.47
CA PRO A 585 8.26 35.46 -10.47
C PRO A 585 9.55 35.66 -9.75
N ASP A 586 10.27 36.56 -10.23
CA ASP A 586 11.49 36.68 -9.63
C ASP A 586 11.39 36.34 -8.14
N GLN A 587 10.34 36.85 -7.52
CA GLN A 587 10.06 36.69 -6.09
C GLN A 587 9.69 35.26 -5.64
N VAL A 588 9.42 34.39 -6.60
CA VAL A 588 9.01 33.00 -6.31
C VAL A 588 10.15 32.10 -5.83
N ASP A 589 10.15 31.84 -4.53
CA ASP A 589 11.15 30.97 -3.93
C ASP A 589 10.68 29.57 -4.31
N LYS A 590 11.37 28.95 -5.26
CA LYS A 590 11.01 27.63 -5.76
C LYS A 590 11.12 26.45 -4.80
N GLU A 591 11.57 26.69 -3.59
CA GLU A 591 11.72 25.60 -2.63
C GLU A 591 10.99 25.84 -1.30
N ASP A 592 10.07 26.80 -1.28
CA ASP A 592 9.30 27.10 -0.07
C ASP A 592 8.32 25.96 0.14
N GLU A 593 8.15 25.54 1.39
CA GLU A 593 7.23 24.44 1.67
C GLU A 593 5.88 24.77 1.08
N ASP A 594 5.37 25.93 1.49
CA ASP A 594 4.08 26.40 1.03
C ASP A 594 3.95 26.54 -0.48
N PHE A 595 5.02 26.94 -1.16
CA PHE A 595 4.92 27.07 -2.61
C PHE A 595 4.67 25.69 -3.19
N GLN A 596 5.49 24.72 -2.82
CA GLN A 596 5.28 23.39 -3.38
C GLN A 596 3.97 22.73 -2.99
N GLU A 597 3.35 23.15 -1.91
CA GLU A 597 2.07 22.57 -1.59
C GLU A 597 1.06 23.10 -2.60
N SER A 598 1.01 24.42 -2.78
CA SER A 598 0.08 25.05 -3.71
C SER A 598 0.11 24.43 -5.10
N ASN A 599 1.15 23.67 -5.41
CA ASN A 599 1.26 23.07 -6.73
C ASN A 599 1.21 21.52 -6.74
N LYS A 600 0.73 20.94 -5.65
CA LYS A 600 0.60 19.47 -5.54
C LYS A 600 -0.86 19.19 -5.91
N MET A 601 -1.13 19.07 -7.20
CA MET A 601 -2.48 18.87 -7.67
C MET A 601 -3.13 17.50 -7.47
N HIS A 602 -3.78 17.36 -6.31
CA HIS A 602 -4.47 16.13 -5.92
C HIS A 602 -5.66 16.04 -6.84
N SER A 603 -5.59 15.16 -7.82
CA SER A 603 -6.66 15.11 -8.78
C SER A 603 -6.96 13.75 -9.39
N MET A 604 -8.07 13.68 -10.09
CA MET A 604 -8.46 12.46 -10.76
C MET A 604 -8.64 12.79 -12.24
N ASN A 605 -7.93 12.03 -13.06
CA ASN A 605 -7.93 12.21 -14.51
C ASN A 605 -7.59 13.61 -14.97
N GLY A 606 -7.11 14.44 -14.04
CA GLY A 606 -6.75 15.81 -14.34
C GLY A 606 -7.65 16.77 -13.59
N PHE A 607 -8.86 16.32 -13.21
CA PHE A 607 -9.81 17.18 -12.52
C PHE A 607 -9.84 17.11 -11.02
N MET A 608 -10.48 18.09 -10.41
CA MET A 608 -10.58 18.19 -8.97
C MET A 608 -11.93 18.71 -8.50
N TYR A 609 -12.12 18.65 -7.19
CA TYR A 609 -13.33 19.11 -6.54
C TYR A 609 -14.67 18.90 -7.21
N GLY A 610 -14.85 17.72 -7.79
CA GLY A 610 -16.11 17.37 -8.41
C GLY A 610 -16.26 17.71 -9.89
N ASN A 611 -15.31 18.47 -10.41
CA ASN A 611 -15.35 18.90 -11.79
C ASN A 611 -15.18 17.87 -12.86
N GLN A 612 -14.89 16.63 -12.52
CA GLN A 612 -14.76 15.64 -13.57
C GLN A 612 -16.12 15.21 -14.09
N PRO A 613 -16.29 15.24 -15.41
CA PRO A 613 -17.49 14.89 -16.17
C PRO A 613 -17.40 13.64 -17.01
N GLY A 614 -18.54 13.17 -17.50
CA GLY A 614 -18.54 12.03 -18.39
C GLY A 614 -18.72 10.66 -17.79
N LEU A 615 -18.95 10.61 -16.49
CA LEU A 615 -19.15 9.35 -15.79
C LEU A 615 -20.65 9.13 -15.61
N THR A 616 -21.36 8.92 -16.71
CA THR A 616 -22.81 8.72 -16.61
C THR A 616 -23.14 7.35 -17.19
N MET A 617 -24.21 6.73 -16.68
CA MET A 617 -24.62 5.41 -17.16
C MET A 617 -26.07 5.16 -16.80
N CYS A 618 -26.56 4.02 -17.26
CA CYS A 618 -27.93 3.61 -17.01
C CYS A 618 -27.95 2.53 -15.95
N LYS A 619 -28.89 2.61 -15.04
CA LYS A 619 -29.04 1.62 -13.97
C LYS A 619 -29.29 0.29 -14.63
N GLY A 620 -28.51 -0.72 -14.29
CA GLY A 620 -28.67 -2.02 -14.90
C GLY A 620 -27.55 -2.26 -15.92
N ASP A 621 -26.90 -1.17 -16.31
CA ASP A 621 -25.79 -1.24 -17.24
C ASP A 621 -24.69 -2.09 -16.68
N SER A 622 -23.92 -2.70 -17.58
CA SER A 622 -22.76 -3.46 -17.20
C SER A 622 -21.60 -2.48 -17.38
N VAL A 623 -21.12 -1.91 -16.29
CA VAL A 623 -20.03 -0.95 -16.35
C VAL A 623 -18.72 -1.67 -16.04
N VAL A 624 -17.63 -1.26 -16.66
CA VAL A 624 -16.31 -1.83 -16.41
C VAL A 624 -15.35 -0.69 -16.18
N TRP A 625 -14.74 -0.67 -15.00
CA TRP A 625 -13.82 0.37 -14.60
C TRP A 625 -12.39 -0.10 -14.69
N TYR A 626 -11.55 0.74 -15.28
CA TYR A 626 -10.12 0.47 -15.44
C TYR A 626 -9.40 1.52 -14.62
N LEU A 627 -8.82 1.11 -13.49
CA LEU A 627 -8.11 2.05 -12.65
C LEU A 627 -6.61 1.82 -12.72
N PHE A 628 -5.84 2.90 -12.57
CA PHE A 628 -4.40 2.82 -12.55
C PHE A 628 -3.85 4.09 -11.94
N SER A 629 -2.59 4.04 -11.51
CA SER A 629 -1.95 5.19 -10.90
C SER A 629 -0.43 5.16 -11.03
N ALA A 630 0.20 6.25 -10.65
CA ALA A 630 1.64 6.38 -10.73
C ALA A 630 1.94 7.55 -9.82
N GLY A 631 3.20 7.69 -9.43
CA GLY A 631 3.55 8.79 -8.56
C GLY A 631 4.47 8.25 -7.50
N ASN A 632 4.67 9.00 -6.41
CA ASN A 632 5.55 8.57 -5.34
C ASN A 632 4.93 7.79 -4.16
N GLU A 633 5.57 7.83 -2.99
CA GLU A 633 5.06 7.10 -1.85
C GLU A 633 3.83 7.73 -1.22
N ALA A 634 3.37 8.84 -1.79
CA ALA A 634 2.18 9.51 -1.28
C ALA A 634 0.97 9.02 -2.06
N ASP A 635 1.23 8.15 -3.03
CA ASP A 635 0.18 7.61 -3.84
C ASP A 635 -0.34 6.31 -3.27
N VAL A 636 -1.00 6.43 -2.11
CA VAL A 636 -1.66 5.31 -1.45
C VAL A 636 -3.15 5.73 -1.48
N HIS A 637 -3.89 5.24 -2.46
CA HIS A 637 -5.28 5.64 -2.51
C HIS A 637 -6.28 4.54 -2.27
N GLY A 638 -7.46 5.00 -1.85
CA GLY A 638 -8.59 4.13 -1.62
C GLY A 638 -9.75 4.74 -2.38
N ILE A 639 -9.94 4.31 -3.62
CA ILE A 639 -11.03 4.81 -4.46
C ILE A 639 -12.34 4.15 -4.04
N TYR A 640 -13.22 4.95 -3.48
CA TYR A 640 -14.48 4.51 -2.96
C TYR A 640 -15.64 4.89 -3.88
N PHE A 641 -16.35 3.88 -4.36
CA PHE A 641 -17.50 4.08 -5.22
C PHE A 641 -18.64 4.02 -4.28
N SER A 642 -19.06 5.16 -3.75
CA SER A 642 -20.19 5.22 -2.83
C SER A 642 -21.50 4.70 -3.45
N GLY A 643 -22.37 4.09 -2.66
CA GLY A 643 -23.64 3.62 -3.21
C GLY A 643 -23.69 2.30 -3.96
N ASN A 644 -22.61 1.90 -4.61
CA ASN A 644 -22.53 0.62 -5.33
C ASN A 644 -21.29 -0.23 -4.92
N THR A 645 -21.22 -1.49 -5.37
CA THR A 645 -20.10 -2.37 -5.02
C THR A 645 -19.68 -3.11 -6.27
N TYR A 646 -18.38 -3.21 -6.52
CA TYR A 646 -17.90 -3.88 -7.72
C TYR A 646 -17.52 -5.30 -7.46
N LEU A 647 -16.95 -5.94 -8.46
CA LEU A 647 -16.53 -7.30 -8.28
C LEU A 647 -15.15 -7.47 -8.87
N TRP A 648 -14.16 -7.44 -7.99
CA TRP A 648 -12.77 -7.60 -8.39
C TRP A 648 -12.25 -8.97 -8.05
N ARG A 649 -11.68 -9.62 -9.04
CA ARG A 649 -11.11 -10.95 -8.90
C ARG A 649 -11.94 -11.90 -8.04
N GLY A 650 -13.25 -11.91 -8.23
CA GLY A 650 -14.10 -12.79 -7.45
C GLY A 650 -14.44 -12.29 -6.06
N GLU A 651 -14.04 -11.09 -5.71
CA GLU A 651 -14.33 -10.59 -4.39
C GLU A 651 -15.18 -9.33 -4.39
N ARG A 652 -16.25 -9.34 -3.61
CA ARG A 652 -17.12 -8.18 -3.52
C ARG A 652 -16.39 -7.17 -2.69
N ARG A 653 -16.23 -5.97 -3.22
CA ARG A 653 -15.53 -4.89 -2.51
C ARG A 653 -16.06 -3.60 -3.08
N ASP A 654 -15.96 -2.50 -2.35
CA ASP A 654 -16.43 -1.26 -2.91
C ASP A 654 -15.41 -0.14 -2.80
N THR A 655 -14.14 -0.49 -2.64
CA THR A 655 -13.07 0.49 -2.53
C THR A 655 -11.81 -0.13 -3.03
N ALA A 656 -11.27 0.41 -4.11
CA ALA A 656 -10.07 -0.14 -4.71
C ALA A 656 -8.85 0.55 -4.17
N ASN A 657 -7.75 -0.19 -4.00
CA ASN A 657 -6.50 0.40 -3.50
C ASN A 657 -5.48 0.52 -4.59
N LEU A 658 -4.92 1.71 -4.73
CA LEU A 658 -3.95 1.99 -5.77
C LEU A 658 -2.72 2.68 -5.24
N PHE A 659 -1.58 2.23 -5.75
CA PHE A 659 -0.28 2.75 -5.37
C PHE A 659 0.53 3.01 -6.63
N PRO A 660 1.81 3.36 -6.48
CA PRO A 660 2.60 3.61 -7.69
C PRO A 660 2.58 2.48 -8.72
N GLN A 661 1.97 2.75 -9.87
CA GLN A 661 1.91 1.80 -10.99
C GLN A 661 0.97 0.60 -10.84
N THR A 662 -0.02 0.73 -9.96
CA THR A 662 -0.96 -0.35 -9.79
C THR A 662 -2.02 -0.20 -10.89
N SER A 663 -2.55 -1.32 -11.40
CA SER A 663 -3.60 -1.25 -12.40
C SER A 663 -4.66 -2.30 -12.05
N LEU A 664 -5.94 -1.94 -12.12
CA LEU A 664 -7.04 -2.87 -11.78
C LEU A 664 -8.18 -2.80 -12.77
N THR A 665 -8.92 -3.90 -12.89
CA THR A 665 -10.08 -3.95 -13.78
C THR A 665 -11.30 -4.31 -12.92
N LEU A 666 -12.11 -3.31 -12.56
CA LEU A 666 -13.30 -3.51 -11.74
C LEU A 666 -14.51 -3.75 -12.61
N HIS A 667 -15.41 -4.65 -12.19
CA HIS A 667 -16.66 -4.87 -12.91
C HIS A 667 -17.85 -4.51 -12.01
N MET A 668 -18.67 -3.59 -12.47
CA MET A 668 -19.81 -3.10 -11.69
C MET A 668 -21.09 -3.10 -12.52
N TRP A 669 -22.23 -3.23 -11.86
CA TRP A 669 -23.57 -3.20 -12.51
C TRP A 669 -24.38 -2.32 -11.57
N PRO A 670 -24.25 -0.99 -11.66
CA PRO A 670 -24.98 -0.11 -10.77
C PRO A 670 -26.42 -0.55 -10.60
N ASP A 671 -26.96 -0.40 -9.41
CA ASP A 671 -28.31 -0.85 -9.23
C ASP A 671 -29.24 0.15 -8.57
N THR A 672 -28.75 1.33 -8.26
CA THR A 672 -29.64 2.28 -7.64
C THR A 672 -29.48 3.60 -8.38
N GLU A 673 -30.60 4.24 -8.68
CA GLU A 673 -30.58 5.48 -9.40
C GLU A 673 -30.17 6.66 -8.53
N GLY A 674 -29.34 7.53 -9.09
CA GLY A 674 -28.89 8.70 -8.37
C GLY A 674 -27.54 9.18 -8.85
N THR A 675 -26.99 10.14 -8.12
CA THR A 675 -25.66 10.68 -8.39
C THR A 675 -24.85 10.35 -7.15
N PHE A 676 -23.86 9.49 -7.34
CA PHE A 676 -23.03 9.03 -6.24
C PHE A 676 -21.61 9.55 -6.40
N ASN A 677 -20.77 9.35 -5.37
CA ASN A 677 -19.39 9.82 -5.37
C ASN A 677 -18.39 8.68 -5.62
N VAL A 678 -17.42 8.95 -6.48
CA VAL A 678 -16.22 8.12 -6.64
C VAL A 678 -15.21 8.96 -5.97
N GLU A 679 -14.71 8.56 -4.82
CA GLU A 679 -13.74 9.39 -4.12
C GLU A 679 -12.55 8.60 -3.62
N CYS A 680 -11.50 9.32 -3.22
CA CYS A 680 -10.35 8.66 -2.64
C CYS A 680 -10.52 8.88 -1.14
N LEU A 681 -10.75 7.79 -0.42
CA LEU A 681 -10.95 7.78 1.02
C LEU A 681 -9.83 8.35 1.85
N THR A 682 -8.59 8.12 1.40
CA THR A 682 -7.42 8.55 2.14
C THR A 682 -7.41 10.06 2.28
N THR A 683 -7.67 10.44 3.50
CA THR A 683 -7.78 11.81 3.97
C THR A 683 -7.16 12.93 3.08
N ASP A 684 -5.86 13.24 3.25
CA ASP A 684 -5.17 14.35 2.50
C ASP A 684 -5.76 14.51 1.10
N HIS A 685 -5.82 13.26 0.58
CA HIS A 685 -6.28 13.27 -0.81
C HIS A 685 -7.71 13.78 -0.92
N TYR A 686 -8.59 13.32 -0.05
CA TYR A 686 -9.97 13.78 -0.11
C TYR A 686 -10.07 15.27 0.16
N THR A 687 -9.36 15.74 1.17
CA THR A 687 -9.44 17.17 1.50
C THR A 687 -8.88 18.00 0.37
N GLY A 688 -7.79 17.54 -0.22
CA GLY A 688 -7.16 18.26 -1.30
C GLY A 688 -7.94 18.29 -2.59
N GLY A 689 -9.08 17.59 -2.62
CA GLY A 689 -9.92 17.58 -3.80
C GLY A 689 -9.99 16.33 -4.65
N MET A 690 -9.58 15.18 -4.14
CA MET A 690 -9.63 13.98 -4.94
C MET A 690 -11.00 13.29 -4.93
N LYS A 691 -12.08 14.05 -5.17
CA LYS A 691 -13.43 13.49 -5.22
C LYS A 691 -14.27 13.82 -6.45
N GLN A 692 -14.90 12.82 -7.03
CA GLN A 692 -15.70 13.03 -8.21
C GLN A 692 -17.08 12.44 -8.05
N LYS A 693 -17.94 12.66 -9.04
CA LYS A 693 -19.29 12.13 -9.04
C LYS A 693 -19.52 11.30 -10.29
N TYR A 694 -20.37 10.30 -10.19
CA TYR A 694 -20.72 9.47 -11.34
C TYR A 694 -22.21 9.34 -11.23
N THR A 695 -22.91 9.39 -12.37
CA THR A 695 -24.35 9.35 -12.36
C THR A 695 -25.03 8.13 -12.92
N VAL A 696 -25.99 7.62 -12.17
CA VAL A 696 -26.72 6.47 -12.62
C VAL A 696 -28.13 6.95 -12.91
N ASN A 697 -28.57 6.78 -14.15
CA ASN A 697 -29.90 7.21 -14.57
C ASN A 697 -30.85 6.03 -14.65
N GLN A 698 -32.15 6.28 -14.54
CA GLN A 698 -33.17 5.25 -14.65
C GLN A 698 -33.44 5.18 -16.15
N CYS A 699 -33.16 4.05 -16.78
CA CYS A 699 -33.37 3.96 -18.21
C CYS A 699 -34.45 2.99 -18.64
N ARG A 700 -35.15 2.45 -17.65
CA ARG A 700 -36.22 1.53 -17.92
C ARG A 700 -37.34 1.88 -17.00
N ARG A 701 -38.31 1.00 -16.94
CA ARG A 701 -39.45 1.15 -16.08
C ARG A 701 -39.39 -0.24 -15.47
N GLN A 702 -39.42 -0.34 -14.14
CA GLN A 702 -39.31 -1.67 -13.53
C GLN A 702 -40.09 -2.01 -12.24
N SER A 703 -40.87 -3.08 -12.36
CA SER A 703 -41.69 -3.71 -11.32
C SER A 703 -42.67 -2.99 -10.38
N GLU A 704 -43.44 -3.82 -9.69
CA GLU A 704 -43.99 -3.33 -8.32
C GLU A 704 -43.52 -4.29 -7.14
N ASP A 705 -42.94 -3.67 -6.11
CA ASP A 705 -42.12 -4.26 -4.97
C ASP A 705 -42.62 -4.92 -3.63
N SER A 706 -43.42 -5.94 -3.56
CA SER A 706 -43.73 -6.60 -2.25
C SER A 706 -43.30 -8.06 -2.51
N THR A 707 -42.02 -8.30 -2.79
CA THR A 707 -41.58 -9.68 -3.09
C THR A 707 -40.22 -10.17 -2.59
N PHE A 708 -39.49 -9.44 -1.75
CA PHE A 708 -38.19 -9.99 -1.34
C PHE A 708 -37.28 -9.44 -0.23
N TYR A 709 -37.43 -9.79 0.98
CA TYR A 709 -36.47 -9.45 2.04
C TYR A 709 -36.88 -10.37 3.13
N LEU A 710 -36.27 -11.53 3.12
CA LEU A 710 -36.68 -12.57 4.01
C LEU A 710 -36.38 -12.30 5.49
N GLY A 711 -35.64 -11.23 5.76
CA GLY A 711 -35.33 -10.91 7.13
C GLY A 711 -35.41 -9.42 7.40
N GLU A 712 -35.56 -9.06 8.67
CA GLU A 712 -35.64 -7.67 9.09
C GLU A 712 -34.96 -7.61 10.43
N ARG A 713 -34.08 -6.63 10.64
CA ARG A 713 -33.35 -6.45 11.89
C ARG A 713 -33.40 -4.98 12.16
N THR A 714 -33.37 -4.58 13.41
CA THR A 714 -33.34 -3.17 13.70
C THR A 714 -32.46 -2.97 14.91
N TYR A 715 -31.58 -1.98 14.85
CA TYR A 715 -30.69 -1.72 15.95
C TYR A 715 -30.89 -0.32 16.42
N TYR A 716 -30.67 -0.05 17.70
CA TYR A 716 -30.81 1.30 18.22
C TYR A 716 -29.42 1.72 18.59
N ILE A 717 -28.87 2.65 17.84
CA ILE A 717 -27.53 3.12 18.09
C ILE A 717 -27.53 4.60 18.35
N ALA A 718 -26.59 5.06 19.16
CA ALA A 718 -26.46 6.47 19.47
C ALA A 718 -25.01 6.87 19.36
N ALA A 719 -24.76 8.16 19.31
CA ALA A 719 -23.40 8.66 19.22
C ALA A 719 -23.17 9.43 20.47
N VAL A 720 -22.33 8.93 21.34
CA VAL A 720 -22.07 9.61 22.59
C VAL A 720 -20.71 10.26 22.65
N GLU A 721 -20.59 11.22 23.56
CA GLU A 721 -19.32 11.90 23.76
C GLU A 721 -18.79 11.25 25.02
N VAL A 722 -17.66 10.60 24.87
CA VAL A 722 -17.04 9.86 25.94
C VAL A 722 -15.64 10.45 26.17
N GLU A 723 -15.02 10.11 27.28
CA GLU A 723 -13.62 10.49 27.52
C GLU A 723 -12.84 9.22 27.24
N TRP A 724 -12.07 9.20 26.17
CA TRP A 724 -11.37 7.99 25.78
C TRP A 724 -9.94 7.99 26.20
N ASP A 725 -9.40 6.82 26.52
CA ASP A 725 -8.03 6.73 26.98
C ASP A 725 -7.33 5.72 26.13
N TYR A 726 -6.34 6.18 25.37
CA TYR A 726 -5.61 5.29 24.49
C TYR A 726 -4.70 4.27 25.12
N SER A 727 -4.30 4.51 26.34
CA SER A 727 -3.38 3.61 27.06
C SER A 727 -3.64 3.81 28.53
N PRO A 728 -4.71 3.22 29.07
CA PRO A 728 -5.07 3.37 30.49
C PRO A 728 -4.13 2.71 31.48
N GLN A 729 -3.31 1.78 31.01
CA GLN A 729 -2.37 1.09 31.85
C GLN A 729 -1.07 1.25 31.09
N ARG A 730 0.03 1.53 31.78
CA ARG A 730 1.31 1.67 31.08
C ARG A 730 2.31 0.56 31.38
N GLU A 731 1.88 -0.42 32.16
CA GLU A 731 2.71 -1.54 32.53
C GLU A 731 3.30 -2.28 31.36
N TRP A 732 2.47 -2.79 30.46
CA TRP A 732 3.00 -3.54 29.33
C TRP A 732 4.06 -2.75 28.58
N GLU A 733 3.85 -1.45 28.42
CA GLU A 733 4.81 -0.59 27.75
C GLU A 733 6.10 -0.70 28.51
N LYS A 734 6.03 -0.27 29.78
CA LYS A 734 7.15 -0.30 30.73
C LYS A 734 7.92 -1.63 30.66
N GLU A 735 7.22 -2.73 30.83
CA GLU A 735 7.84 -4.06 30.78
C GLU A 735 8.50 -4.37 29.44
N LEU A 736 7.89 -3.90 28.36
CA LEU A 736 8.47 -4.17 27.06
C LEU A 736 9.81 -3.48 26.91
N HIS A 737 9.91 -2.27 27.43
CA HIS A 737 11.15 -1.54 27.32
C HIS A 737 12.29 -2.14 28.13
N HIS A 738 12.07 -2.32 29.43
CA HIS A 738 13.09 -2.91 30.33
C HIS A 738 13.65 -4.21 29.75
N LEU A 739 12.83 -4.96 29.03
CA LEU A 739 13.30 -6.19 28.43
C LEU A 739 14.29 -5.86 27.32
N GLN A 740 13.97 -4.84 26.54
CA GLN A 740 14.80 -4.44 25.42
C GLN A 740 16.01 -3.63 25.88
N GLU A 741 15.93 -3.13 27.11
CA GLU A 741 16.96 -2.31 27.72
C GLU A 741 17.03 -0.97 26.97
N GLN A 742 15.88 -0.30 26.86
CA GLN A 742 15.81 0.98 26.16
C GLN A 742 15.50 2.17 27.06
N ASN A 743 16.25 3.24 26.83
CA ASN A 743 16.17 4.50 27.57
C ASN A 743 15.06 5.42 26.99
N VAL A 744 14.09 4.82 26.28
CA VAL A 744 13.09 5.58 25.52
C VAL A 744 11.98 6.33 26.29
N SER A 745 11.61 7.47 25.72
CA SER A 745 10.55 8.35 26.21
C SER A 745 9.44 8.33 25.17
N ASN A 746 8.21 8.24 25.64
CA ASN A 746 7.04 8.21 24.78
C ASN A 746 6.52 9.62 24.48
N ALA A 747 6.57 10.02 23.21
CA ALA A 747 6.11 11.35 22.82
C ALA A 747 4.59 11.61 22.86
N PHE A 748 3.83 10.57 22.47
CA PHE A 748 2.37 10.58 22.38
C PHE A 748 1.63 10.51 23.72
N LEU A 749 2.22 9.73 24.64
CA LEU A 749 1.71 9.47 25.99
C LEU A 749 2.19 10.39 27.15
N ASP A 750 3.44 10.84 27.07
CA ASP A 750 3.98 11.67 28.13
C ASP A 750 3.48 13.10 28.14
N LYS A 751 2.61 13.36 29.10
CA LYS A 751 2.01 14.66 29.31
C LYS A 751 3.08 15.74 29.15
N GLY A 752 4.28 15.45 29.64
CA GLY A 752 5.36 16.39 29.56
C GLY A 752 4.99 17.72 30.21
N GLU A 753 5.41 18.79 29.55
CA GLU A 753 5.19 20.18 30.00
C GLU A 753 3.75 20.69 29.88
N PHE A 754 3.25 20.73 28.64
CA PHE A 754 1.90 21.18 28.34
C PHE A 754 1.16 20.25 27.39
N TYR A 755 1.80 19.16 26.98
CA TYR A 755 1.17 18.24 26.06
C TYR A 755 -0.05 17.62 26.67
N ILE A 756 -0.97 17.24 25.80
CA ILE A 756 -2.21 16.63 26.20
C ILE A 756 -1.85 15.14 26.20
N GLY A 757 -2.21 14.45 27.26
CA GLY A 757 -1.73 13.09 27.52
C GLY A 757 -2.07 11.94 26.55
N SER A 758 -2.85 10.99 27.08
CA SER A 758 -3.30 9.80 26.38
C SER A 758 -4.83 9.78 26.31
N LYS A 759 -5.46 10.65 27.09
CA LYS A 759 -6.91 10.76 27.14
C LYS A 759 -7.37 11.95 26.33
N TYR A 760 -8.43 11.78 25.54
CA TYR A 760 -8.99 12.87 24.75
C TYR A 760 -10.47 12.64 24.66
N LYS A 761 -11.25 13.71 24.64
CA LYS A 761 -12.66 13.51 24.49
C LYS A 761 -12.91 13.00 23.06
N LYS A 762 -13.86 12.10 22.90
CA LYS A 762 -14.17 11.57 21.57
C LYS A 762 -15.68 11.34 21.50
N VAL A 763 -16.19 11.10 20.30
CA VAL A 763 -17.62 10.83 20.13
C VAL A 763 -17.62 9.46 19.51
N VAL A 764 -18.43 8.58 20.06
CA VAL A 764 -18.45 7.22 19.59
C VAL A 764 -19.82 6.63 19.46
N TYR A 765 -19.91 5.53 18.74
CA TYR A 765 -21.15 4.81 18.53
C TYR A 765 -21.33 3.75 19.61
N ARG A 766 -22.33 3.89 20.46
CA ARG A 766 -22.60 2.89 21.50
C ARG A 766 -24.03 2.35 21.27
N GLN A 767 -24.21 1.04 21.35
CA GLN A 767 -25.53 0.44 21.15
C GLN A 767 -26.45 0.53 22.36
N TYR A 768 -27.74 0.66 22.12
CA TYR A 768 -28.73 0.76 23.17
C TYR A 768 -29.84 -0.30 23.04
N THR A 769 -30.69 -0.41 24.05
CA THR A 769 -31.75 -1.43 24.03
C THR A 769 -33.00 -1.09 23.23
N ASP A 770 -33.48 0.14 23.36
CA ASP A 770 -34.68 0.57 22.67
C ASP A 770 -34.73 2.05 22.34
N SER A 771 -35.79 2.43 21.64
CA SER A 771 -36.03 3.79 21.21
C SER A 771 -35.98 4.84 22.28
N THR A 772 -36.04 4.45 23.55
CA THR A 772 -35.97 5.47 24.62
C THR A 772 -34.54 5.96 24.85
N PHE A 773 -33.59 5.13 24.42
CA PHE A 773 -32.18 5.41 24.54
C PHE A 773 -31.74 5.77 25.94
N ARG A 774 -32.27 5.09 26.95
CA ARG A 774 -31.85 5.37 28.32
C ARG A 774 -31.17 4.18 28.99
N VAL A 775 -31.12 3.05 28.27
CA VAL A 775 -30.46 1.85 28.77
C VAL A 775 -29.56 1.30 27.67
N PRO A 776 -28.25 1.41 27.84
CA PRO A 776 -27.26 0.93 26.89
C PRO A 776 -26.99 -0.53 27.05
N VAL A 777 -26.63 -1.17 25.95
CA VAL A 777 -26.31 -2.58 25.96
C VAL A 777 -24.92 -2.77 26.52
N GLU A 778 -24.83 -3.58 27.58
CA GLU A 778 -23.58 -3.91 28.26
C GLU A 778 -22.69 -4.73 27.31
N ARG A 779 -21.43 -4.35 27.18
CA ARG A 779 -20.50 -5.07 26.33
C ARG A 779 -20.04 -6.37 27.03
N LYS A 780 -20.45 -7.54 26.55
CA LYS A 780 -20.01 -8.77 27.19
C LYS A 780 -18.54 -9.09 26.91
N ALA A 781 -18.06 -10.22 27.42
CA ALA A 781 -16.66 -10.60 27.26
C ALA A 781 -16.13 -10.69 25.84
N GLU A 782 -16.89 -11.38 25.00
CA GLU A 782 -16.51 -11.61 23.62
C GLU A 782 -16.49 -10.36 22.77
N GLU A 783 -16.66 -9.22 23.42
CA GLU A 783 -16.65 -7.94 22.72
C GLU A 783 -15.87 -6.87 23.46
N GLU A 784 -15.10 -7.25 24.46
CA GLU A 784 -14.29 -6.28 25.17
C GLU A 784 -13.22 -5.79 24.19
N HIS A 785 -12.75 -6.68 23.33
CA HIS A 785 -11.72 -6.36 22.34
C HIS A 785 -12.09 -5.31 21.29
N LEU A 786 -13.32 -4.84 21.25
CA LEU A 786 -13.70 -3.84 20.24
C LEU A 786 -13.18 -2.44 20.52
N GLY A 787 -12.82 -2.18 21.76
CA GLY A 787 -12.31 -0.86 22.11
C GLY A 787 -13.21 0.29 21.71
N ILE A 788 -12.65 1.18 20.90
CA ILE A 788 -13.34 2.38 20.42
C ILE A 788 -14.41 2.11 19.40
N LEU A 789 -14.27 1.02 18.66
CA LEU A 789 -15.25 0.67 17.64
C LEU A 789 -16.70 0.69 18.13
N GLY A 790 -17.64 0.81 17.21
CA GLY A 790 -19.04 0.78 17.59
C GLY A 790 -19.33 -0.71 17.67
N PRO A 791 -20.59 -1.11 17.82
CA PRO A 791 -20.95 -2.52 17.93
C PRO A 791 -20.82 -3.27 16.64
N GLN A 792 -20.70 -4.59 16.75
CA GLN A 792 -20.57 -5.42 15.58
C GLN A 792 -21.94 -5.70 15.04
N LEU A 793 -22.45 -4.89 14.13
CA LEU A 793 -23.77 -5.16 13.61
C LEU A 793 -23.68 -6.34 12.67
N HIS A 794 -24.67 -7.23 12.72
CA HIS A 794 -24.67 -8.39 11.85
C HIS A 794 -25.91 -8.34 10.94
N ALA A 795 -25.79 -8.83 9.71
CA ALA A 795 -26.93 -8.83 8.79
C ALA A 795 -26.60 -9.91 7.85
N ASP A 796 -27.59 -10.67 7.42
CA ASP A 796 -27.38 -11.74 6.46
C ASP A 796 -27.86 -11.14 5.15
N VAL A 797 -27.47 -11.73 4.03
CA VAL A 797 -27.89 -11.24 2.72
C VAL A 797 -29.39 -11.44 2.59
N GLY A 798 -30.11 -10.38 2.29
CA GLY A 798 -31.55 -10.50 2.15
C GLY A 798 -32.23 -9.78 3.27
N ASP A 799 -31.46 -9.14 4.15
CA ASP A 799 -32.04 -8.43 5.28
C ASP A 799 -32.45 -7.04 4.87
N LYS A 800 -33.11 -6.40 5.78
CA LYS A 800 -33.51 -5.01 5.68
C LYS A 800 -33.19 -4.50 7.05
N VAL A 801 -31.97 -4.01 7.25
CA VAL A 801 -31.51 -3.49 8.54
C VAL A 801 -32.06 -2.10 8.75
N LYS A 802 -32.38 -1.78 9.99
CA LYS A 802 -32.93 -0.50 10.26
C LYS A 802 -32.19 0.12 11.41
N ILE A 803 -31.46 1.19 11.19
CA ILE A 803 -30.75 1.73 12.32
C ILE A 803 -31.53 2.89 12.90
N ILE A 804 -32.00 2.73 14.11
CA ILE A 804 -32.57 3.86 14.81
C ILE A 804 -31.40 4.52 15.45
N PHE A 805 -31.02 5.67 14.93
CA PHE A 805 -29.85 6.39 15.40
C PHE A 805 -30.20 7.67 16.09
N LYS A 806 -29.69 7.86 17.31
CA LYS A 806 -29.93 9.10 18.05
C LYS A 806 -28.64 9.81 18.32
N ASN A 807 -28.59 11.12 18.07
CA ASN A 807 -27.38 11.90 18.26
C ASN A 807 -27.37 12.49 19.63
N MET A 808 -26.49 12.03 20.51
CA MET A 808 -26.43 12.60 21.85
C MET A 808 -25.22 13.54 22.05
N ALA A 809 -24.46 13.74 20.98
CA ALA A 809 -23.29 14.60 21.03
C ALA A 809 -23.73 16.03 20.88
N THR A 810 -22.77 16.89 20.55
CA THR A 810 -23.06 18.29 20.39
C THR A 810 -22.95 18.86 18.95
N ARG A 811 -22.90 18.01 17.94
CA ARG A 811 -22.84 18.50 16.56
C ARG A 811 -23.28 17.41 15.57
N PRO A 812 -24.00 17.79 14.50
CA PRO A 812 -24.51 16.90 13.46
C PRO A 812 -23.64 15.73 13.08
N TYR A 813 -24.18 14.52 13.15
CA TYR A 813 -23.45 13.32 12.74
C TYR A 813 -24.47 12.42 12.07
N SER A 814 -24.03 11.30 11.54
CA SER A 814 -24.97 10.41 10.91
C SER A 814 -24.31 9.03 10.85
N ILE A 815 -24.97 8.03 10.27
CA ILE A 815 -24.38 6.71 10.23
C ILE A 815 -24.67 6.13 8.87
N HIS A 816 -23.65 5.61 8.23
CA HIS A 816 -23.81 5.08 6.89
C HIS A 816 -22.81 3.94 6.77
N ALA A 817 -22.84 3.15 5.72
CA ALA A 817 -21.89 2.08 5.70
C ALA A 817 -21.50 1.60 4.32
N HIS A 818 -20.27 1.13 4.16
CA HIS A 818 -19.85 0.65 2.85
C HIS A 818 -20.68 -0.55 2.45
N GLY A 819 -20.70 -0.85 1.15
CA GLY A 819 -21.39 -2.01 0.58
C GLY A 819 -22.90 -2.14 0.66
N VAL A 820 -23.51 -1.40 1.53
CA VAL A 820 -24.92 -1.45 1.74
C VAL A 820 -25.69 -0.66 0.69
N GLN A 821 -26.90 -1.11 0.36
CA GLN A 821 -27.73 -0.40 -0.64
C GLN A 821 -28.69 0.54 0.04
N THR A 822 -28.96 1.69 -0.55
CA THR A 822 -29.89 2.60 0.05
C THR A 822 -30.88 3.11 -0.99
N GLU A 823 -31.91 3.81 -0.54
CA GLU A 823 -32.96 4.34 -1.41
C GLU A 823 -32.46 5.48 -2.28
N SER A 824 -31.75 6.41 -1.66
CA SER A 824 -31.21 7.55 -2.37
C SER A 824 -29.71 7.63 -2.10
N SER A 825 -29.10 8.73 -2.52
CA SER A 825 -27.68 8.92 -2.32
C SER A 825 -27.39 9.88 -1.18
N THR A 826 -28.30 10.83 -0.96
CA THR A 826 -28.12 11.80 0.11
C THR A 826 -28.22 11.06 1.46
N VAL A 827 -27.58 11.59 2.49
CA VAL A 827 -27.61 10.96 3.81
C VAL A 827 -27.95 12.08 4.81
N THR A 828 -29.13 12.05 5.38
CA THR A 828 -29.51 13.13 6.29
C THR A 828 -28.71 13.19 7.58
N PRO A 829 -28.17 14.35 7.91
CA PRO A 829 -27.42 14.37 9.18
C PRO A 829 -28.36 14.42 10.36
N THR A 830 -28.13 13.61 11.38
CA THR A 830 -28.97 13.68 12.57
C THR A 830 -28.48 14.83 13.43
N LEU A 831 -29.37 15.72 13.82
CA LEU A 831 -29.00 16.84 14.67
C LEU A 831 -28.91 16.35 16.09
N PRO A 832 -28.38 17.17 17.01
CA PRO A 832 -28.28 16.75 18.41
C PRO A 832 -29.64 16.59 19.08
N GLY A 833 -29.76 15.61 19.96
CA GLY A 833 -31.01 15.37 20.66
C GLY A 833 -32.06 14.74 19.75
N GLU A 834 -31.79 14.82 18.46
CA GLU A 834 -32.68 14.30 17.48
C GLU A 834 -32.41 12.82 17.28
N THR A 835 -33.46 12.06 16.96
CA THR A 835 -33.31 10.64 16.68
C THR A 835 -33.98 10.40 15.32
N LEU A 836 -33.26 9.77 14.41
CA LEU A 836 -33.73 9.52 13.05
C LEU A 836 -33.65 8.05 12.73
N THR A 837 -34.14 7.66 11.56
CA THR A 837 -34.08 6.27 11.19
C THR A 837 -33.41 6.15 9.82
N TYR A 838 -32.46 5.23 9.70
CA TYR A 838 -31.80 5.02 8.42
C TYR A 838 -32.11 3.58 8.09
N VAL A 839 -32.24 3.23 6.82
CA VAL A 839 -32.55 1.86 6.44
C VAL A 839 -31.51 1.38 5.44
N TRP A 840 -30.89 0.24 5.71
CA TRP A 840 -29.90 -0.31 4.79
C TRP A 840 -30.45 -1.63 4.35
N LYS A 841 -30.54 -1.86 3.05
CA LYS A 841 -31.05 -3.12 2.55
C LYS A 841 -29.79 -3.90 2.27
N ILE A 842 -29.76 -5.20 2.54
CA ILE A 842 -28.56 -6.02 2.32
C ILE A 842 -28.75 -7.05 1.20
N PRO A 843 -28.97 -6.58 -0.02
CA PRO A 843 -29.16 -7.50 -1.16
C PRO A 843 -27.91 -8.30 -1.44
N GLU A 844 -28.03 -9.21 -2.39
CA GLU A 844 -26.94 -10.08 -2.78
C GLU A 844 -25.61 -9.38 -2.99
N ARG A 845 -25.57 -8.28 -3.72
CA ARG A 845 -24.31 -7.60 -4.00
C ARG A 845 -23.68 -6.88 -2.84
N SER A 846 -24.18 -7.08 -1.64
CA SER A 846 -23.58 -6.45 -0.48
C SER A 846 -22.97 -7.56 0.33
N GLY A 847 -23.01 -8.78 -0.18
CA GLY A 847 -22.52 -9.91 0.58
C GLY A 847 -21.39 -10.62 -0.11
N ALA A 848 -20.94 -11.72 0.48
CA ALA A 848 -19.83 -12.50 -0.05
C ALA A 848 -19.88 -12.57 -1.55
N GLY A 849 -18.73 -12.35 -2.16
CA GLY A 849 -18.64 -12.47 -3.59
C GLY A 849 -18.49 -13.95 -3.85
N THR A 850 -18.07 -14.34 -5.04
CA THR A 850 -17.92 -15.74 -5.37
C THR A 850 -16.72 -16.41 -4.68
N GLU A 851 -15.61 -15.69 -4.57
CA GLU A 851 -14.40 -16.24 -3.94
C GLU A 851 -14.18 -15.65 -2.57
N ASP A 852 -15.18 -14.96 -2.05
CA ASP A 852 -15.07 -14.38 -0.74
C ASP A 852 -15.42 -15.40 0.32
N SER A 853 -15.07 -15.09 1.56
CA SER A 853 -15.41 -15.95 2.68
C SER A 853 -16.92 -15.74 2.83
N ALA A 854 -17.60 -16.49 3.68
CA ALA A 854 -19.04 -16.33 3.83
C ALA A 854 -19.48 -14.99 4.45
N CYS A 855 -18.72 -14.48 5.42
CA CYS A 855 -19.06 -13.16 6.00
C CYS A 855 -17.93 -12.23 5.59
N ILE A 856 -18.28 -10.99 5.27
CA ILE A 856 -17.29 -10.00 4.86
C ILE A 856 -17.68 -8.78 5.65
N PRO A 857 -16.75 -7.94 6.09
CA PRO A 857 -17.13 -6.75 6.88
C PRO A 857 -17.14 -5.47 6.09
N TRP A 858 -17.88 -4.47 6.54
CA TRP A 858 -17.93 -3.18 5.85
C TRP A 858 -17.88 -2.23 7.01
N ALA A 859 -17.23 -1.09 6.84
CA ALA A 859 -17.14 -0.17 7.95
C ALA A 859 -18.32 0.73 7.89
N TYR A 860 -18.92 1.04 9.02
CA TYR A 860 -20.02 1.99 8.95
C TYR A 860 -19.41 3.20 9.60
N TYR A 861 -19.70 4.39 9.11
CA TYR A 861 -19.07 5.61 9.59
C TYR A 861 -20.04 6.77 9.48
N SER A 862 -19.59 7.99 9.78
CA SER A 862 -20.45 9.18 9.70
C SER A 862 -20.13 10.03 8.49
N THR A 863 -21.15 10.52 7.80
CA THR A 863 -20.95 11.30 6.58
C THR A 863 -20.89 12.81 6.67
N VAL A 864 -21.30 13.41 7.78
CA VAL A 864 -21.28 14.87 7.87
C VAL A 864 -19.94 15.50 7.46
N ASP A 865 -18.83 14.97 7.95
CA ASP A 865 -17.51 15.46 7.57
C ASP A 865 -16.70 14.17 7.52
N GLN A 866 -16.63 13.56 6.33
CA GLN A 866 -15.92 12.31 6.19
C GLN A 866 -14.66 12.20 7.04
N VAL A 867 -13.92 13.30 7.21
CA VAL A 867 -12.67 13.25 7.96
C VAL A 867 -12.75 13.55 9.43
N LYS A 868 -13.08 14.78 9.77
CA LYS A 868 -13.12 15.10 11.17
C LYS A 868 -14.04 14.16 11.98
N ASP A 869 -15.15 13.72 11.39
CA ASP A 869 -16.04 12.81 12.09
C ASP A 869 -15.35 11.50 12.48
N LEU A 870 -14.47 11.01 11.60
CA LEU A 870 -13.73 9.77 11.83
C LEU A 870 -12.75 9.92 12.94
N TYR A 871 -11.74 10.75 12.72
CA TYR A 871 -10.71 10.97 13.72
C TYR A 871 -11.35 11.34 15.05
N SER A 872 -12.56 11.85 15.03
CA SER A 872 -13.20 12.15 16.28
C SER A 872 -13.64 10.89 17.02
N GLY A 873 -13.69 9.75 16.34
CA GLY A 873 -14.08 8.51 17.01
C GLY A 873 -15.14 7.65 16.36
N LEU A 874 -16.03 8.25 15.58
CA LEU A 874 -17.11 7.51 14.93
C LEU A 874 -16.75 6.48 13.84
N ILE A 875 -16.62 5.20 14.23
CA ILE A 875 -16.36 4.10 13.28
C ILE A 875 -16.77 2.73 13.86
N GLY A 876 -17.13 1.76 13.00
CA GLY A 876 -17.55 0.46 13.47
C GLY A 876 -17.69 -0.55 12.34
N PRO A 877 -17.87 -1.85 12.64
CA PRO A 877 -18.00 -2.91 11.65
C PRO A 877 -19.41 -3.47 11.48
N LEU A 878 -19.77 -3.68 10.22
CA LEU A 878 -21.02 -4.34 9.85
C LEU A 878 -20.56 -5.62 9.17
N ILE A 879 -20.95 -6.77 9.71
CA ILE A 879 -20.57 -8.05 9.15
C ILE A 879 -21.77 -8.52 8.36
N VAL A 880 -21.56 -8.89 7.11
CA VAL A 880 -22.66 -9.35 6.29
C VAL A 880 -22.37 -10.76 5.82
N CYS A 881 -23.05 -11.71 6.44
CA CYS A 881 -22.85 -13.12 6.13
C CYS A 881 -23.78 -13.60 5.05
N ARG A 882 -23.34 -14.62 4.34
CA ARG A 882 -24.08 -15.24 3.25
C ARG A 882 -25.13 -16.36 3.51
N ARG A 883 -24.72 -17.49 4.10
CA ARG A 883 -25.65 -18.62 4.30
C ARG A 883 -26.53 -18.67 5.58
N PRO A 884 -27.47 -19.64 5.69
CA PRO A 884 -28.36 -19.79 6.86
C PRO A 884 -27.75 -19.51 8.23
N ARG A 892 -15.18 -27.52 20.05
CA ARG A 892 -14.79 -26.09 20.23
C ARG A 892 -15.71 -25.19 19.42
N ARG A 893 -15.69 -23.89 19.76
CA ARG A 893 -16.54 -22.85 19.17
C ARG A 893 -16.02 -22.12 17.91
N LYS A 894 -16.75 -21.09 17.50
CA LYS A 894 -16.40 -20.22 16.36
C LYS A 894 -16.39 -18.78 16.92
N LEU A 895 -15.26 -18.10 16.75
CA LEU A 895 -15.08 -16.76 17.27
C LEU A 895 -14.98 -15.68 16.21
N GLU A 896 -15.30 -14.45 16.61
CA GLU A 896 -15.22 -13.31 15.69
C GLU A 896 -14.54 -12.12 16.37
N PHE A 897 -13.51 -11.57 15.73
CA PHE A 897 -12.84 -10.37 16.25
C PHE A 897 -12.76 -9.29 15.18
N ALA A 898 -12.93 -8.04 15.59
CA ALA A 898 -12.89 -6.94 14.63
C ALA A 898 -11.73 -6.07 14.99
N LEU A 899 -10.79 -5.88 14.07
CA LEU A 899 -9.65 -5.04 14.37
C LEU A 899 -9.58 -3.88 13.40
N LEU A 900 -9.43 -2.67 13.93
CA LEU A 900 -9.33 -1.50 13.07
C LEU A 900 -7.97 -0.87 13.28
N PHE A 901 -7.05 -1.01 12.32
CA PHE A 901 -5.73 -0.40 12.45
C PHE A 901 -5.81 1.02 11.90
N LEU A 902 -5.68 2.03 12.75
CA LEU A 902 -5.78 3.41 12.28
C LEU A 902 -4.98 4.34 13.18
N VAL A 903 -4.19 5.24 12.60
CA VAL A 903 -3.41 6.18 13.40
C VAL A 903 -4.32 7.37 13.68
N PHE A 904 -5.01 7.36 14.79
CA PHE A 904 -5.93 8.44 15.08
C PHE A 904 -5.25 9.79 15.12
N ASP A 905 -5.54 10.64 14.15
CA ASP A 905 -4.94 11.97 14.14
C ASP A 905 -5.73 12.89 15.05
N GLU A 906 -5.53 12.76 16.34
CA GLU A 906 -6.28 13.56 17.27
C GLU A 906 -6.25 15.08 17.01
N ASN A 907 -5.50 15.54 16.00
CA ASN A 907 -5.40 16.98 15.70
C ASN A 907 -6.58 17.43 14.85
N GLU A 908 -7.29 16.45 14.29
CA GLU A 908 -8.45 16.69 13.45
C GLU A 908 -9.76 16.50 14.21
N SER A 909 -9.68 16.15 15.47
CA SER A 909 -10.89 15.94 16.25
C SER A 909 -11.67 17.22 16.23
N TRP A 910 -12.99 17.11 16.34
CA TRP A 910 -13.78 18.31 16.41
C TRP A 910 -13.54 18.82 17.80
N TYR A 911 -13.04 17.94 18.66
CA TYR A 911 -12.86 18.30 20.04
C TYR A 911 -11.48 18.79 20.48
N LEU A 912 -10.59 19.05 19.53
CA LEU A 912 -9.24 19.47 19.89
C LEU A 912 -9.19 20.64 20.85
N ASP A 913 -9.96 21.69 20.60
CA ASP A 913 -9.92 22.81 21.51
C ASP A 913 -10.29 22.47 22.94
N ASP A 914 -11.20 21.55 23.13
CA ASP A 914 -11.58 21.18 24.48
C ASP A 914 -10.45 20.41 25.13
N ASN A 915 -9.92 19.41 24.42
CA ASN A 915 -8.83 18.62 24.96
C ASN A 915 -7.70 19.50 25.46
N ILE A 916 -7.30 20.48 24.66
CA ILE A 916 -6.23 21.33 25.13
C ILE A 916 -6.62 21.99 26.45
N LYS A 917 -7.76 22.65 26.48
CA LYS A 917 -8.16 23.33 27.71
C LYS A 917 -8.43 22.40 28.85
N THR A 918 -8.91 21.21 28.52
CA THR A 918 -9.28 20.22 29.52
C THR A 918 -8.04 19.54 30.09
N TYR A 919 -7.20 19.02 29.20
CA TYR A 919 -6.02 18.26 29.60
C TYR A 919 -4.66 18.92 29.74
N SER A 920 -4.28 19.77 28.80
CA SER A 920 -2.97 20.43 28.87
C SER A 920 -2.77 21.12 30.19
N ASP A 921 -1.59 20.92 30.78
CA ASP A 921 -1.24 21.55 32.07
C ASP A 921 -1.22 23.08 31.92
N HIS A 922 -0.74 23.55 30.76
CA HIS A 922 -0.65 24.97 30.44
C HIS A 922 -1.13 25.21 29.02
N PRO A 923 -2.45 25.29 28.83
CA PRO A 923 -2.98 25.53 27.49
C PRO A 923 -2.39 26.72 26.75
N GLU A 924 -2.24 27.84 27.46
CA GLU A 924 -1.69 29.07 26.86
C GLU A 924 -0.36 28.85 26.14
N LYS A 925 0.41 27.89 26.65
CA LYS A 925 1.73 27.59 26.08
C LYS A 925 1.67 26.59 24.94
N VAL A 926 0.48 26.33 24.42
CA VAL A 926 0.37 25.37 23.32
C VAL A 926 0.21 26.05 21.98
N ASN A 927 1.03 25.66 21.02
CA ASN A 927 0.89 26.22 19.69
C ASN A 927 0.48 25.09 18.79
N LYS A 928 -0.79 25.06 18.39
CA LYS A 928 -1.33 24.00 17.52
C LYS A 928 -0.57 23.72 16.22
N ASP A 929 0.36 24.58 15.85
CA ASP A 929 1.15 24.39 14.63
C ASP A 929 2.54 23.80 14.89
N ASP A 930 2.90 23.71 16.17
CA ASP A 930 4.20 23.19 16.57
C ASP A 930 4.36 21.72 16.23
N GLU A 931 5.17 21.44 15.21
CA GLU A 931 5.41 20.08 14.77
C GLU A 931 5.50 19.03 15.88
N GLU A 932 6.14 19.37 16.99
CA GLU A 932 6.29 18.42 18.08
C GLU A 932 4.92 18.11 18.67
N PHE A 933 4.11 19.14 18.81
CA PHE A 933 2.77 19.02 19.35
C PHE A 933 1.94 18.17 18.41
N ILE A 934 1.92 18.54 17.14
CA ILE A 934 1.17 17.80 16.13
C ILE A 934 1.43 16.32 16.34
N GLU A 935 2.68 15.92 16.36
CA GLU A 935 3.01 14.52 16.53
C GLU A 935 2.57 13.92 17.86
N SER A 936 2.55 14.75 18.90
CA SER A 936 2.17 14.29 20.23
C SER A 936 0.74 13.79 20.21
N ASN A 937 0.04 14.08 19.12
CA ASN A 937 -1.36 13.66 18.96
C ASN A 937 -1.59 12.55 17.93
N LYS A 938 -0.54 12.03 17.32
CA LYS A 938 -0.75 10.99 16.36
C LYS A 938 -0.75 9.66 17.10
N MET A 939 -1.91 9.28 17.66
CA MET A 939 -2.04 8.02 18.40
C MET A 939 -2.03 6.81 17.47
N HIS A 940 -0.91 6.11 17.34
CA HIS A 940 -0.92 4.99 16.44
C HIS A 940 -1.51 3.83 17.19
N ALA A 941 -2.82 3.60 17.04
CA ALA A 941 -3.45 2.54 17.81
C ALA A 941 -4.21 1.45 17.09
N ILE A 942 -4.51 0.38 17.83
CA ILE A 942 -5.31 -0.73 17.35
C ILE A 942 -6.66 -0.61 18.06
N ASN A 943 -7.78 -0.66 17.33
CA ASN A 943 -9.10 -0.49 17.92
C ASN A 943 -9.14 0.61 18.95
N GLY A 944 -8.32 1.62 18.78
CA GLY A 944 -8.34 2.70 19.74
C GLY A 944 -7.35 2.68 20.89
N ARG A 945 -6.50 1.65 20.98
CA ARG A 945 -5.49 1.59 22.04
C ARG A 945 -4.16 0.97 21.70
N MET A 946 -3.13 1.62 22.23
CA MET A 946 -1.77 1.24 21.93
C MET A 946 -1.07 0.62 23.10
N PHE A 947 0.03 -0.07 22.78
CA PHE A 947 0.91 -0.72 23.74
C PHE A 947 0.32 -1.77 24.63
N GLY A 948 -0.10 -2.87 24.00
CA GLY A 948 -0.67 -3.95 24.77
C GLY A 948 -2.01 -3.68 25.41
N ASN A 949 -2.44 -2.41 25.50
CA ASN A 949 -3.73 -2.09 26.13
C ASN A 949 -5.02 -2.63 25.48
N LEU A 950 -4.92 -3.36 24.38
CA LEU A 950 -6.10 -3.92 23.72
C LEU A 950 -6.37 -5.31 24.26
N GLN A 951 -7.18 -5.35 25.31
CA GLN A 951 -7.56 -6.57 25.98
C GLN A 951 -8.58 -7.34 25.17
N GLY A 952 -8.88 -8.54 25.61
CA GLY A 952 -10.00 -9.24 25.06
C GLY A 952 -9.79 -10.23 23.98
N LEU A 953 -8.59 -10.35 23.45
CA LEU A 953 -8.44 -11.31 22.39
C LEU A 953 -8.07 -12.69 22.92
N THR A 954 -9.06 -13.49 23.33
CA THR A 954 -8.75 -14.83 23.82
C THR A 954 -9.53 -16.02 23.22
N MET A 955 -8.78 -17.01 22.76
CA MET A 955 -9.39 -18.17 22.13
C MET A 955 -8.81 -19.42 22.72
N HIS A 956 -9.19 -20.56 22.19
CA HIS A 956 -8.70 -21.82 22.68
C HIS A 956 -8.13 -22.56 21.53
N VAL A 957 -7.25 -23.48 21.84
CA VAL A 957 -6.65 -24.29 20.82
C VAL A 957 -7.82 -25.03 20.20
N GLY A 958 -7.85 -25.11 18.86
CA GLY A 958 -8.94 -25.79 18.18
C GLY A 958 -10.08 -24.93 17.66
N ASP A 959 -10.30 -23.76 18.27
CA ASP A 959 -11.36 -22.83 17.86
C ASP A 959 -11.16 -22.43 16.41
N GLU A 960 -12.21 -21.87 15.82
CA GLU A 960 -12.20 -21.39 14.45
C GLU A 960 -12.35 -19.89 14.62
N VAL A 961 -11.30 -19.13 14.35
CA VAL A 961 -11.39 -17.70 14.55
C VAL A 961 -11.58 -16.92 13.27
N ASN A 962 -12.38 -15.88 13.32
CA ASN A 962 -12.61 -15.06 12.15
C ASN A 962 -12.19 -13.67 12.53
N TRP A 963 -11.14 -13.18 11.89
CA TRP A 963 -10.64 -11.84 12.15
C TRP A 963 -11.15 -10.98 11.04
N TYR A 964 -11.76 -9.87 11.41
CA TYR A 964 -12.29 -8.91 10.46
C TYR A 964 -11.38 -7.71 10.58
N LEU A 965 -10.44 -7.61 9.65
CA LEU A 965 -9.49 -6.53 9.61
C LEU A 965 -9.96 -5.42 8.71
N MET A 966 -9.79 -4.19 9.15
CA MET A 966 -10.17 -3.09 8.32
C MET A 966 -9.33 -1.88 8.63
N GLY A 967 -8.82 -1.22 7.59
CA GLY A 967 -8.03 -0.02 7.82
C GLY A 967 -8.72 1.19 7.25
N MET A 968 -8.32 2.38 7.68
CA MET A 968 -8.89 3.65 7.21
C MET A 968 -7.87 4.73 7.56
N GLY A 969 -8.13 5.99 7.21
CA GLY A 969 -7.22 7.07 7.56
C GLY A 969 -6.42 7.67 6.42
N ASN A 970 -5.37 8.42 6.78
CA ASN A 970 -4.45 9.11 5.86
C ASN A 970 -3.42 8.27 5.05
N GLU A 971 -2.50 8.91 4.33
CA GLU A 971 -1.47 8.24 3.49
C GLU A 971 -0.55 7.29 4.19
N ILE A 972 -0.28 7.66 5.43
CA ILE A 972 0.54 6.95 6.40
C ILE A 972 0.00 5.55 6.71
N ASP A 973 -1.31 5.41 6.72
CA ASP A 973 -1.95 4.16 7.06
C ASP A 973 -1.68 2.95 6.16
N LEU A 974 -0.41 2.54 6.17
CA LEU A 974 0.06 1.33 5.48
C LEU A 974 0.17 0.48 6.73
N HIS A 975 -0.49 -0.66 6.77
CA HIS A 975 -0.44 -1.44 7.98
C HIS A 975 -0.34 -2.88 7.63
N THR A 976 0.83 -3.43 7.81
CA THR A 976 1.02 -4.81 7.52
C THR A 976 0.82 -5.49 8.84
N VAL A 977 -0.30 -6.19 8.94
CA VAL A 977 -0.66 -6.86 10.16
C VAL A 977 0.02 -8.19 10.25
N HIS A 978 0.74 -8.40 11.35
CA HIS A 978 1.45 -9.65 11.57
C HIS A 978 1.02 -10.28 12.89
N PHE A 979 0.80 -11.60 12.86
CA PHE A 979 0.40 -12.35 14.06
C PHE A 979 1.59 -13.25 14.38
N HIS A 980 2.26 -13.04 15.51
CA HIS A 980 3.40 -13.91 15.85
C HIS A 980 2.95 -15.33 16.18
N GLY A 981 3.67 -16.32 15.64
CA GLY A 981 3.35 -17.69 15.97
C GLY A 981 2.23 -18.45 15.26
N HIS A 982 1.36 -17.74 14.55
CA HIS A 982 0.27 -18.39 13.80
C HIS A 982 0.06 -17.68 12.48
N SER A 983 -0.31 -18.43 11.46
CA SER A 983 -0.58 -17.83 10.17
C SER A 983 -2.10 -17.92 10.00
N PHE A 984 -2.64 -17.45 8.87
CA PHE A 984 -4.09 -17.50 8.59
C PHE A 984 -4.30 -17.86 7.13
N GLN A 985 -5.52 -18.27 6.78
CA GLN A 985 -5.88 -18.60 5.39
C GLN A 985 -6.85 -17.51 4.91
N TYR A 986 -7.04 -17.21 3.60
CA TYR A 986 -7.99 -16.12 3.45
C TYR A 986 -9.09 -16.05 2.41
N LYS A 987 -8.95 -16.64 1.22
CA LYS A 987 -10.11 -16.51 0.31
C LYS A 987 -11.12 -17.61 0.61
N HIS A 988 -12.08 -17.79 -0.28
CA HIS A 988 -13.09 -18.83 -0.10
C HIS A 988 -12.39 -20.15 0.09
N ARG A 989 -12.56 -20.75 1.27
CA ARG A 989 -11.96 -22.04 1.63
C ARG A 989 -10.50 -21.93 2.03
N GLY A 990 -10.12 -20.78 2.60
CA GLY A 990 -8.74 -20.59 3.04
C GLY A 990 -7.71 -21.02 2.01
N VAL A 991 -8.06 -20.76 0.76
CA VAL A 991 -7.25 -21.14 -0.37
C VAL A 991 -5.84 -20.55 -0.38
N TYR A 992 -5.62 -19.44 0.32
CA TYR A 992 -4.31 -18.80 0.37
C TYR A 992 -3.84 -18.74 1.82
N SER A 993 -2.53 -18.75 2.00
CA SER A 993 -1.95 -18.75 3.33
C SER A 993 -0.90 -17.66 3.41
N SER A 994 -0.69 -17.11 4.60
CA SER A 994 0.30 -16.06 4.89
C SER A 994 0.18 -15.63 6.35
N ASP A 995 1.19 -14.94 6.87
CA ASP A 995 1.12 -14.47 8.24
C ASP A 995 1.22 -12.96 8.30
N VAL A 996 1.22 -12.33 7.15
CA VAL A 996 1.25 -10.86 7.13
C VAL A 996 0.16 -10.43 6.20
N PHE A 997 -0.65 -9.46 6.60
CA PHE A 997 -1.70 -8.98 5.71
C PHE A 997 -1.61 -7.49 5.46
N ASP A 998 -1.56 -7.10 4.20
CA ASP A 998 -1.43 -5.69 3.86
C ASP A 998 -2.75 -4.99 4.00
N ILE A 999 -2.75 -3.88 4.71
CA ILE A 999 -3.98 -3.13 4.92
C ILE A 999 -3.79 -1.65 4.76
N PHE A 1000 -4.67 -1.00 4.00
CA PHE A 1000 -4.63 0.46 3.74
C PHE A 1000 -6.06 1.02 3.73
N PRO A 1001 -6.21 2.34 3.81
CA PRO A 1001 -7.50 3.04 3.83
C PRO A 1001 -8.55 2.43 2.94
N GLY A 1002 -9.57 1.86 3.55
CA GLY A 1002 -10.63 1.24 2.78
C GLY A 1002 -10.51 -0.27 2.59
N THR A 1003 -9.56 -0.89 3.28
CA THR A 1003 -9.41 -2.33 3.16
C THR A 1003 -10.14 -2.93 4.32
N TYR A 1004 -11.02 -3.85 3.98
CA TYR A 1004 -11.83 -4.56 4.94
C TYR A 1004 -11.63 -6.00 4.51
N GLN A 1005 -11.08 -6.85 5.35
CA GLN A 1005 -10.83 -8.22 4.96
C GLN A 1005 -11.11 -9.16 6.11
N THR A 1006 -11.45 -10.38 5.75
CA THR A 1006 -11.79 -11.39 6.72
C THR A 1006 -10.84 -12.57 6.53
N LEU A 1007 -10.12 -12.87 7.63
CA LEU A 1007 -9.11 -13.94 7.71
C LEU A 1007 -9.53 -15.08 8.65
N GLU A 1008 -9.41 -16.32 8.19
CA GLU A 1008 -9.76 -17.48 8.99
C GLU A 1008 -8.47 -17.95 9.64
N MET A 1009 -8.56 -18.35 10.91
CA MET A 1009 -7.40 -18.83 11.62
C MET A 1009 -7.78 -19.84 12.68
N PHE A 1010 -6.97 -20.90 12.80
CA PHE A 1010 -7.17 -21.96 13.78
C PHE A 1010 -6.02 -21.99 14.75
N PRO A 1011 -6.17 -21.35 15.92
CA PRO A 1011 -5.07 -21.33 16.88
C PRO A 1011 -4.66 -22.77 17.14
N ARG A 1012 -3.36 -23.03 17.17
CA ARG A 1012 -2.85 -24.38 17.43
C ARG A 1012 -1.85 -24.45 18.59
N THR A 1013 -0.90 -23.54 18.63
CA THR A 1013 0.10 -23.48 19.68
C THR A 1013 -0.42 -22.55 20.77
N PRO A 1014 -0.50 -23.00 22.04
CA PRO A 1014 -0.99 -22.13 23.12
C PRO A 1014 0.05 -21.15 23.64
N GLY A 1015 -0.41 -20.05 24.22
CA GLY A 1015 0.51 -19.05 24.74
C GLY A 1015 0.07 -17.65 24.39
N ILE A 1016 0.72 -16.64 24.98
CA ILE A 1016 0.39 -15.24 24.69
C ILE A 1016 1.31 -14.75 23.57
N TRP A 1017 0.72 -14.36 22.45
CA TRP A 1017 1.48 -13.90 21.31
C TRP A 1017 1.32 -12.44 20.96
N LEU A 1018 2.35 -11.88 20.35
CA LEU A 1018 2.32 -10.49 19.95
C LEU A 1018 1.66 -10.35 18.58
N LEU A 1019 0.85 -9.30 18.47
CA LEU A 1019 0.10 -8.92 17.26
C LEU A 1019 0.50 -7.48 17.02
N HIS A 1020 1.04 -7.20 15.82
CA HIS A 1020 1.47 -5.83 15.54
C HIS A 1020 1.57 -5.48 14.06
N CYS A 1021 1.67 -4.17 13.81
CA CYS A 1021 1.85 -3.68 12.45
C CYS A 1021 3.33 -3.82 12.22
N HIS A 1022 3.74 -4.31 11.07
CA HIS A 1022 5.16 -4.52 10.82
C HIS A 1022 5.92 -3.31 10.29
N VAL A 1023 5.37 -2.09 10.34
CA VAL A 1023 6.13 -0.96 9.81
C VAL A 1023 6.77 -0.16 10.91
N THR A 1024 8.09 0.03 10.79
CA THR A 1024 8.88 0.74 11.81
C THR A 1024 8.19 1.84 12.63
N ASP A 1025 7.83 2.97 12.05
CA ASP A 1025 7.20 4.03 12.86
C ASP A 1025 6.07 3.48 13.72
N HIS A 1026 5.23 2.66 13.09
CA HIS A 1026 4.05 2.12 13.76
C HIS A 1026 4.34 1.24 14.96
N ILE A 1027 5.34 0.38 14.87
CA ILE A 1027 5.70 -0.46 16.01
C ILE A 1027 6.13 0.42 17.19
N HIS A 1028 7.18 1.21 17.02
CA HIS A 1028 7.65 2.10 18.09
C HIS A 1028 6.56 3.03 18.62
N ALA A 1029 5.55 3.28 17.80
CA ALA A 1029 4.47 4.17 18.17
C ALA A 1029 3.41 3.52 19.05
N GLY A 1030 3.39 2.18 19.07
CA GLY A 1030 2.43 1.45 19.89
C GLY A 1030 1.35 0.60 19.20
N MET A 1031 1.41 0.49 17.88
CA MET A 1031 0.42 -0.25 17.14
C MET A 1031 0.62 -1.74 17.38
N GLU A 1032 0.34 -2.20 18.60
CA GLU A 1032 0.51 -3.64 18.94
C GLU A 1032 -0.24 -4.06 20.19
N THR A 1033 -0.47 -5.35 20.30
CA THR A 1033 -1.13 -5.90 21.47
C THR A 1033 -0.89 -7.40 21.44
N THR A 1034 -1.49 -8.15 22.37
CA THR A 1034 -1.29 -9.60 22.38
C THR A 1034 -2.54 -10.45 22.39
N TYR A 1035 -2.50 -11.59 21.71
CA TYR A 1035 -3.65 -12.45 21.70
C TYR A 1035 -3.27 -13.73 22.38
N THR A 1036 -4.16 -14.24 23.22
CA THR A 1036 -3.95 -15.44 24.02
C THR A 1036 -4.56 -16.71 23.48
N VAL A 1037 -3.77 -17.76 23.34
CA VAL A 1037 -4.36 -18.99 22.90
C VAL A 1037 -4.33 -19.88 24.13
N LEU A 1038 -5.50 -20.21 24.65
CA LEU A 1038 -5.59 -21.05 25.83
C LEU A 1038 -5.55 -22.50 25.46
N GLN A 1039 -5.01 -23.29 26.36
CA GLN A 1039 -4.89 -24.73 26.20
C GLN A 1039 -6.30 -25.30 26.23
N ASN A 1040 -6.60 -26.20 25.29
CA ASN A 1040 -7.92 -26.81 25.20
C ASN A 1040 -8.27 -27.52 26.50
C1 NAG B . 0.56 -11.06 33.24
C2 NAG B . -0.89 -10.73 32.72
C3 NAG B . -1.63 -9.63 33.47
C4 NAG B . -0.81 -9.12 34.65
C5 NAG B . -0.22 -10.28 35.43
C6 NAG B . -1.19 -11.30 36.01
C7 NAG B . -1.29 -10.95 30.31
C8 NAG B . -1.04 -10.40 28.92
N2 NAG B . -0.74 -10.31 31.32
O3 NAG B . -2.86 -10.15 33.98
O4 NAG B . 0.26 -8.29 34.19
O5 NAG B . 0.74 -11.01 34.68
O6 NAG B . -1.24 -12.50 35.25
O7 NAG B . -1.90 -12.03 30.40
C1 NAG C . 18.35 7.76 29.96
C2 NAG C . 19.72 8.00 29.26
C3 NAG C . 20.49 9.16 29.94
C4 NAG C . 19.59 10.39 30.13
C5 NAG C . 18.30 9.98 30.85
C6 NAG C . 17.32 11.11 31.10
C7 NAG C . 20.98 6.28 30.42
C8 NAG C . 21.80 5.00 30.41
N2 NAG C . 20.51 6.77 29.27
O3 NAG C . 21.62 9.51 29.13
O4 NAG C . 20.29 11.38 30.88
O5 NAG C . 17.62 8.99 30.07
O6 NAG C . 16.09 10.62 31.61
O7 NAG C . 20.80 6.82 31.51
CU CU D . 10.60 1.52 -3.75
CU CU E . 7.39 -9.02 15.36
CU CU F . 8.38 -9.89 11.95
CU CU G . 6.94 -12.71 13.40
CU CU H . -5.84 9.08 -3.16
CU CU I . -0.99 15.85 -0.04
CU CU J . 0.96 0.14 10.74
CU CU K . 3.68 8.34 12.85
O O L . 7.86 -9.74 13.73
O O M . 6.24 -14.74 13.30
#